data_1F5Q
#
_entry.id   1F5Q
#
_cell.length_a   87.59
_cell.length_b   73.45
_cell.length_c   107.67
_cell.angle_alpha   90
_cell.angle_beta   102.18
_cell.angle_gamma   90
#
_symmetry.space_group_name_H-M   'P 1 21 1'
#
loop_
_entity.id
_entity.type
_entity.pdbx_description
1 polymer 'CYCLIN DEPENDENT KINASE 2'
2 polymer 'GAMMA HERPESVIRUS CYCLIN'
3 non-polymer 'CHLORIDE ION'
4 water water
#
loop_
_entity_poly.entity_id
_entity_poly.type
_entity_poly.pdbx_seq_one_letter_code
_entity_poly.pdbx_strand_id
1 'polypeptide(L)'
;MENFQKVEKIGEGTYGVVYKARNKLTGEVVALKKIRLDTETEGVPSTAIREISLLKELNHPNIVKLLDVIHTENKLYLVF
EFLHQDLKKFMDASALTGIPLPLIKSYLFQLLQGLAFCHSHRVLHRDLKPQNLLINTEGAIKLADFGLARAFGVPVRTYT
HEVVTLWYRAPEILLGCKYYSTAVDIWSLGCIFAEMVTRRALFPGDSEIDQLFRIFRTLGTPDEVVWPGVTSMPDYKPSF
PKWARQDFSKVVPPLDEDGRSLLSQMLHYDPNKRISAKAALAHPFFQDVTKPVPHLRL
;
A,C
2 'polypeptide(L)'
;MASQEFQGFLDSSLLNEEDCRQMIYRSEREHDARMVGVNVDQHFTSQYRKVLTTWMFCVCKDLRQDNNVFPLAVALLDEL
FLSTRIDRENYQSTAAVALHIAGKVRAYMPIKATQLAYLCGGATTADKLLTLEVKSLDTLSWVADRCLSTDLICYILHIM
HAPREDYLNIYNLCRPKIFCALCDGRSAMKRPVLITLACMHLTMNQKYDYYENRIDGVCKSLYITKEELHQCCDLVDIAI
VSFDENYFKINA
;
B,D
#
loop_
_chem_comp.id
_chem_comp.type
_chem_comp.name
_chem_comp.formula
CL non-polymer 'CHLORIDE ION' 'Cl -1'
#
# COMPACT_ATOMS: atom_id res chain seq x y z
N MET A 1 7.80 2.31 -50.59
CA MET A 1 6.89 1.32 -51.24
C MET A 1 7.43 0.70 -52.52
N GLU A 2 8.59 1.14 -52.99
CA GLU A 2 9.13 0.52 -54.18
C GLU A 2 10.30 -0.40 -53.83
N ASN A 3 10.07 -1.66 -54.18
CA ASN A 3 10.94 -2.81 -53.99
C ASN A 3 9.89 -3.84 -54.31
N PHE A 4 9.02 -3.54 -55.28
CA PHE A 4 7.95 -4.46 -55.61
C PHE A 4 7.56 -4.61 -57.09
N GLN A 5 7.08 -5.82 -57.43
CA GLN A 5 6.64 -6.18 -58.78
C GLN A 5 5.22 -6.80 -58.74
N LYS A 6 4.27 -6.02 -58.22
CA LYS A 6 2.88 -6.44 -58.04
C LYS A 6 2.25 -7.34 -59.09
N VAL A 7 1.29 -8.12 -58.61
CA VAL A 7 0.51 -9.09 -59.37
C VAL A 7 -0.73 -9.31 -58.51
N GLU A 8 -1.89 -9.51 -59.12
CA GLU A 8 -3.10 -9.76 -58.36
C GLU A 8 -2.96 -11.14 -57.69
N LYS A 9 -3.75 -11.39 -56.64
CA LYS A 9 -3.70 -12.67 -55.93
C LYS A 9 -5.12 -13.07 -55.51
N GLU A 12 -10.13 -9.45 -54.59
CA GLU A 12 -11.13 -10.07 -53.72
C GLU A 12 -10.55 -10.22 -52.32
N GLY A 13 -9.36 -9.66 -52.10
CA GLY A 13 -8.69 -9.75 -50.81
C GLY A 13 -9.49 -9.44 -49.56
N THR A 14 -8.88 -8.68 -48.65
CA THR A 14 -9.52 -8.32 -47.38
C THR A 14 -10.15 -6.91 -47.37
N TYR A 15 -9.37 -5.88 -47.02
CA TYR A 15 -9.89 -4.50 -47.03
C TYR A 15 -9.72 -3.97 -48.44
N GLY A 16 -10.02 -4.80 -49.43
CA GLY A 16 -9.88 -4.36 -50.80
C GLY A 16 -9.19 -5.45 -51.57
N VAL A 17 -8.03 -5.13 -52.13
CA VAL A 17 -7.28 -6.12 -52.89
C VAL A 17 -6.23 -6.81 -52.02
N VAL A 18 -5.41 -7.62 -52.69
CA VAL A 18 -4.32 -8.37 -52.06
C VAL A 18 -3.35 -8.76 -53.17
N TYR A 19 -2.36 -7.90 -53.41
CA TYR A 19 -1.38 -8.14 -54.45
C TYR A 19 -0.27 -9.12 -54.04
N LYS A 20 0.13 -9.99 -54.97
CA LYS A 20 1.25 -10.89 -54.74
C LYS A 20 2.31 -10.03 -55.37
N ALA A 21 3.52 -10.02 -54.85
CA ALA A 21 4.50 -9.14 -55.46
C ALA A 21 5.91 -9.58 -55.20
N ARG A 22 6.85 -8.88 -55.83
CA ARG A 22 8.26 -9.21 -55.67
C ARG A 22 9.02 -8.04 -55.09
N ASN A 23 10.12 -8.34 -54.40
CA ASN A 23 10.97 -7.32 -53.81
C ASN A 23 11.78 -6.71 -54.98
N LYS A 24 12.39 -5.54 -54.79
CA LYS A 24 13.20 -4.94 -55.89
C LYS A 24 14.65 -5.26 -55.58
N LEU A 25 14.98 -5.06 -54.31
CA LEU A 25 16.31 -5.34 -53.80
C LEU A 25 16.44 -6.85 -53.82
N THR A 26 15.51 -7.53 -53.16
CA THR A 26 15.57 -8.97 -53.09
C THR A 26 14.64 -9.73 -54.05
N GLY A 27 13.77 -9.00 -54.77
CA GLY A 27 12.88 -9.67 -55.71
C GLY A 27 12.22 -10.91 -55.15
N GLU A 28 11.86 -10.85 -53.87
CA GLU A 28 11.22 -11.97 -53.16
C GLU A 28 9.70 -11.87 -53.12
N VAL A 29 9.06 -13.01 -53.33
CA VAL A 29 7.62 -13.10 -53.31
C VAL A 29 7.18 -12.63 -51.92
N VAL A 30 6.15 -11.80 -51.89
CA VAL A 30 5.62 -11.25 -50.67
C VAL A 30 4.12 -11.05 -50.91
N ALA A 31 3.33 -10.90 -49.85
CA ALA A 31 1.89 -10.69 -50.01
C ALA A 31 1.55 -9.32 -49.50
N LEU A 32 0.87 -8.52 -50.32
CA LEU A 32 0.50 -7.15 -49.95
C LEU A 32 -0.99 -6.94 -49.69
N LYS A 33 -1.30 -6.46 -48.50
CA LYS A 33 -2.67 -6.17 -48.12
C LYS A 33 -2.81 -4.66 -48.19
N LYS A 34 -3.73 -4.18 -49.02
CA LYS A 34 -3.98 -2.76 -49.21
C LYS A 34 -5.16 -2.25 -48.35
N ILE A 35 -4.95 -1.16 -47.62
CA ILE A 35 -5.96 -0.56 -46.75
C ILE A 35 -6.06 0.93 -47.05
N ARG A 36 -7.27 1.42 -47.28
CA ARG A 36 -7.46 2.84 -47.58
C ARG A 36 -7.65 3.67 -46.33
N LEU A 37 -6.94 4.78 -46.26
CA LEU A 37 -7.00 5.68 -45.11
C LEU A 37 -7.93 6.87 -45.32
N ASP A 38 -8.36 7.08 -46.55
CA ASP A 38 -9.19 8.24 -46.85
C ASP A 38 -10.67 8.01 -47.23
N THR A 39 -11.21 6.83 -46.96
CA THR A 39 -12.61 6.58 -47.32
C THR A 39 -13.58 6.48 -46.14
N GLU A 40 -13.09 6.04 -44.99
CA GLU A 40 -13.92 5.89 -43.81
C GLU A 40 -13.99 7.09 -42.89
N THR A 41 -15.15 7.29 -42.29
CA THR A 41 -15.38 8.42 -41.40
C THR A 41 -14.29 8.64 -40.36
N GLU A 42 -13.87 7.57 -39.69
CA GLU A 42 -12.86 7.70 -38.65
C GLU A 42 -11.42 7.48 -39.10
N GLY A 43 -11.16 7.46 -40.40
CA GLY A 43 -9.81 7.28 -40.88
C GLY A 43 -9.33 5.85 -40.93
N VAL A 44 -8.12 5.60 -40.44
CA VAL A 44 -7.56 4.23 -40.43
C VAL A 44 -8.54 3.37 -39.67
N PRO A 45 -8.93 2.24 -40.24
CA PRO A 45 -9.88 1.36 -39.55
C PRO A 45 -9.29 0.84 -38.24
N SER A 46 -10.06 0.89 -37.17
CA SER A 46 -9.58 0.39 -35.89
C SER A 46 -9.18 -1.07 -35.98
N THR A 47 -9.80 -1.81 -36.91
CA THR A 47 -9.49 -3.22 -37.09
C THR A 47 -8.09 -3.43 -37.64
N ALA A 48 -7.65 -2.53 -38.50
CA ALA A 48 -6.32 -2.62 -39.10
C ALA A 48 -5.33 -2.32 -37.98
N ILE A 49 -5.65 -1.32 -37.19
CA ILE A 49 -4.80 -0.93 -36.09
C ILE A 49 -4.57 -2.06 -35.12
N ARG A 50 -5.64 -2.77 -34.77
CA ARG A 50 -5.55 -3.88 -33.83
C ARG A 50 -4.83 -5.08 -34.38
N GLU A 51 -5.03 -5.32 -35.67
CA GLU A 51 -4.41 -6.44 -36.35
C GLU A 51 -2.89 -6.22 -36.37
N ILE A 52 -2.46 -5.00 -36.70
CA ILE A 52 -1.05 -4.68 -36.75
C ILE A 52 -0.35 -4.88 -35.40
N SER A 53 -0.90 -4.32 -34.35
CA SER A 53 -0.29 -4.45 -33.03
C SER A 53 -0.28 -5.91 -32.58
N LEU A 54 -1.26 -6.66 -33.05
CA LEU A 54 -1.41 -8.06 -32.71
C LEU A 54 -0.33 -8.90 -33.38
N LEU A 55 -0.15 -8.67 -34.68
CA LEU A 55 0.85 -9.39 -35.48
C LEU A 55 2.25 -8.99 -35.07
N LYS A 56 2.41 -7.77 -34.59
CA LYS A 56 3.69 -7.24 -34.19
C LYS A 56 4.29 -8.13 -33.10
N GLU A 57 3.43 -8.72 -32.29
CA GLU A 57 3.92 -9.57 -31.21
C GLU A 57 3.93 -11.06 -31.55
N LEU A 58 3.15 -11.43 -32.56
CA LEU A 58 3.08 -12.83 -32.97
C LEU A 58 4.15 -13.21 -33.98
N ASN A 59 5.41 -13.27 -33.55
CA ASN A 59 6.47 -13.68 -34.45
C ASN A 59 6.81 -15.12 -34.12
N HIS A 60 6.46 -16.02 -35.04
CA HIS A 60 6.68 -17.44 -34.86
C HIS A 60 6.65 -18.10 -36.25
N PRO A 61 7.43 -19.17 -36.45
CA PRO A 61 7.46 -19.83 -37.75
C PRO A 61 6.13 -20.39 -38.26
N ASN A 62 5.19 -20.63 -37.36
CA ASN A 62 3.91 -21.19 -37.78
C ASN A 62 2.74 -20.22 -37.77
N ILE A 63 3.06 -18.94 -37.92
CA ILE A 63 2.08 -17.88 -37.97
C ILE A 63 2.49 -16.97 -39.12
N VAL A 64 1.63 -16.75 -40.11
CA VAL A 64 2.04 -15.90 -41.22
C VAL A 64 2.65 -14.63 -40.63
N LYS A 65 3.87 -14.33 -41.05
CA LYS A 65 4.57 -13.19 -40.50
C LYS A 65 4.36 -11.85 -41.19
N LEU A 66 4.01 -10.85 -40.37
CA LEU A 66 3.81 -9.49 -40.86
C LEU A 66 5.22 -8.93 -41.02
N LEU A 67 5.68 -8.84 -42.27
CA LEU A 67 7.00 -8.35 -42.57
C LEU A 67 7.12 -6.85 -42.40
N ASP A 68 6.19 -6.08 -42.97
CA ASP A 68 6.28 -4.64 -42.85
C ASP A 68 4.95 -3.92 -43.02
N VAL A 69 4.90 -2.69 -42.52
CA VAL A 69 3.71 -1.86 -42.63
C VAL A 69 4.19 -0.63 -43.36
N ILE A 70 3.68 -0.38 -44.56
CA ILE A 70 4.11 0.80 -45.31
C ILE A 70 2.99 1.77 -45.60
N HIS A 71 3.22 3.03 -45.27
CA HIS A 71 2.24 4.08 -45.51
C HIS A 71 2.64 4.88 -46.76
N THR A 72 1.72 4.93 -47.72
CA THR A 72 1.96 5.66 -48.96
C THR A 72 0.67 6.29 -49.50
N GLU A 73 0.72 7.59 -49.74
CA GLU A 73 -0.43 8.32 -50.25
C GLU A 73 -1.62 8.11 -49.33
N ASN A 74 -2.75 7.69 -49.90
CA ASN A 74 -3.97 7.46 -49.12
C ASN A 74 -4.07 5.97 -48.82
N LYS A 75 -2.93 5.29 -48.84
CA LYS A 75 -2.90 3.85 -48.62
C LYS A 75 -1.98 3.38 -47.49
N LEU A 76 -2.32 2.22 -46.95
CA LEU A 76 -1.53 1.58 -45.91
C LEU A 76 -1.30 0.15 -46.40
N TYR A 77 -0.04 -0.22 -46.68
CA TYR A 77 0.25 -1.58 -47.15
C TYR A 77 0.82 -2.51 -46.11
N LEU A 78 0.14 -3.63 -45.90
CA LEU A 78 0.63 -4.62 -44.95
C LEU A 78 1.39 -5.66 -45.77
N VAL A 79 2.68 -5.79 -45.49
CA VAL A 79 3.52 -6.74 -46.20
C VAL A 79 3.62 -8.04 -45.38
N PHE A 80 2.95 -9.07 -45.85
CA PHE A 80 2.94 -10.37 -45.19
C PHE A 80 3.89 -11.30 -45.95
N GLU A 81 4.33 -12.36 -45.29
CA GLU A 81 5.19 -13.31 -45.97
C GLU A 81 4.23 -14.01 -46.94
N PHE A 82 4.75 -14.46 -48.06
CA PHE A 82 3.90 -15.08 -49.07
C PHE A 82 3.83 -16.59 -49.05
N LEU A 83 2.60 -17.12 -49.00
CA LEU A 83 2.38 -18.56 -49.03
C LEU A 83 1.53 -18.85 -50.25
N HIS A 84 1.84 -19.94 -50.92
CA HIS A 84 1.19 -20.36 -52.18
C HIS A 84 -0.29 -20.72 -52.17
N GLN A 85 -0.77 -21.34 -51.10
CA GLN A 85 -2.18 -21.66 -51.06
C GLN A 85 -2.67 -22.04 -49.67
N ASP A 86 -3.97 -22.35 -49.57
CA ASP A 86 -4.54 -22.71 -48.29
C ASP A 86 -4.89 -24.20 -48.19
N LEU A 87 -5.19 -24.65 -46.98
CA LEU A 87 -5.55 -26.02 -46.69
C LEU A 87 -6.77 -26.54 -47.47
N LYS A 88 -7.78 -25.70 -47.65
CA LYS A 88 -8.98 -26.10 -48.39
C LYS A 88 -8.63 -26.56 -49.82
N LYS A 89 -7.83 -25.78 -50.52
CA LYS A 89 -7.41 -26.15 -51.87
C LYS A 89 -6.67 -27.49 -51.82
N PHE A 90 -5.69 -27.60 -50.92
CA PHE A 90 -4.91 -28.83 -50.79
C PHE A 90 -5.84 -30.04 -50.59
N MET A 91 -6.63 -30.01 -49.52
CA MET A 91 -7.57 -31.10 -49.21
C MET A 91 -8.38 -31.47 -50.44
N ASP A 92 -8.66 -30.48 -51.29
CA ASP A 92 -9.43 -30.71 -52.50
C ASP A 92 -8.59 -31.23 -53.66
N ALA A 93 -7.27 -31.09 -53.55
CA ALA A 93 -6.38 -31.57 -54.60
C ALA A 93 -5.73 -32.88 -54.20
N SER A 94 -6.50 -33.76 -53.56
CA SER A 94 -6.01 -35.04 -53.10
C SER A 94 -7.10 -35.73 -52.25
N ALA A 95 -8.33 -35.20 -52.36
CA ALA A 95 -9.50 -35.70 -51.63
C ALA A 95 -9.62 -37.23 -51.58
N LEU A 96 -9.60 -37.87 -52.76
CA LEU A 96 -9.69 -39.33 -52.89
C LEU A 96 -8.39 -39.96 -52.42
N THR A 97 -7.30 -39.27 -52.78
CA THR A 97 -5.95 -39.69 -52.45
C THR A 97 -5.60 -39.53 -50.95
N GLY A 98 -6.33 -38.65 -50.25
CA GLY A 98 -6.08 -38.43 -48.84
C GLY A 98 -4.69 -37.91 -48.55
N ILE A 99 -4.52 -37.29 -47.38
CA ILE A 99 -3.22 -36.78 -47.01
C ILE A 99 -2.43 -37.83 -46.23
N PRO A 100 -1.18 -38.08 -46.63
CA PRO A 100 -0.41 -39.10 -45.89
C PRO A 100 -0.33 -38.76 -44.41
N LEU A 101 -0.46 -39.77 -43.55
CA LEU A 101 -0.39 -39.56 -42.11
C LEU A 101 0.82 -38.71 -41.68
N PRO A 102 2.01 -39.01 -42.24
CA PRO A 102 3.18 -38.19 -41.83
C PRO A 102 2.97 -36.71 -42.10
N LEU A 103 2.23 -36.38 -43.17
CA LEU A 103 1.97 -34.98 -43.52
C LEU A 103 0.85 -34.40 -42.63
N ILE A 104 -0.16 -35.21 -42.34
CA ILE A 104 -1.27 -34.79 -41.50
C ILE A 104 -0.74 -34.54 -40.09
N LYS A 105 0.13 -35.43 -39.64
CA LYS A 105 0.70 -35.31 -38.31
C LYS A 105 1.57 -34.06 -38.25
N SER A 106 2.39 -33.84 -39.28
CA SER A 106 3.26 -32.67 -39.33
C SER A 106 2.46 -31.37 -39.34
N TYR A 107 1.42 -31.31 -40.16
CA TYR A 107 0.61 -30.11 -40.24
C TYR A 107 -0.09 -29.81 -38.92
N LEU A 108 -0.67 -30.83 -38.29
CA LEU A 108 -1.34 -30.64 -37.02
C LEU A 108 -0.30 -30.24 -35.98
N PHE A 109 0.89 -30.82 -36.07
CA PHE A 109 1.95 -30.50 -35.15
C PHE A 109 2.34 -29.01 -35.22
N GLN A 110 2.47 -28.48 -36.44
CA GLN A 110 2.83 -27.08 -36.63
C GLN A 110 1.73 -26.14 -36.21
N LEU A 111 0.49 -26.54 -36.47
CA LEU A 111 -0.65 -25.74 -36.12
C LEU A 111 -0.77 -25.63 -34.60
N LEU A 112 -0.39 -26.70 -33.89
CA LEU A 112 -0.45 -26.66 -32.44
C LEU A 112 0.71 -25.84 -31.88
N GLN A 113 1.76 -25.66 -32.67
CA GLN A 113 2.90 -24.86 -32.24
C GLN A 113 2.58 -23.39 -32.37
N GLY A 114 1.98 -23.04 -33.50
CA GLY A 114 1.60 -21.66 -33.73
C GLY A 114 0.51 -21.30 -32.74
N LEU A 115 -0.38 -22.24 -32.52
CA LEU A 115 -1.49 -22.02 -31.61
C LEU A 115 -1.02 -21.92 -30.18
N ALA A 116 0.04 -22.65 -29.82
CA ALA A 116 0.54 -22.60 -28.47
C ALA A 116 1.16 -21.21 -28.23
N PHE A 117 1.89 -20.74 -29.24
CA PHE A 117 2.55 -19.44 -29.18
C PHE A 117 1.50 -18.34 -29.03
N CYS A 118 0.40 -18.47 -29.76
CA CYS A 118 -0.70 -17.50 -29.70
C CYS A 118 -1.32 -17.34 -28.33
N HIS A 119 -1.63 -18.47 -27.69
CA HIS A 119 -2.25 -18.50 -26.37
C HIS A 119 -1.31 -18.07 -25.26
N SER A 120 -0.02 -18.04 -25.56
CA SER A 120 0.98 -17.63 -24.59
C SER A 120 1.10 -16.13 -24.61
N HIS A 121 0.48 -15.53 -25.63
CA HIS A 121 0.48 -14.09 -25.77
C HIS A 121 -0.91 -13.51 -25.63
N ARG A 122 -1.78 -14.21 -24.92
CA ARG A 122 -3.15 -13.77 -24.73
C ARG A 122 -3.83 -13.42 -26.06
N VAL A 123 -3.77 -14.35 -27.02
CA VAL A 123 -4.40 -14.17 -28.31
C VAL A 123 -5.21 -15.39 -28.70
N LEU A 124 -6.49 -15.18 -29.00
CA LEU A 124 -7.39 -16.24 -29.43
C LEU A 124 -7.65 -15.97 -30.88
N HIS A 125 -7.55 -16.99 -31.73
CA HIS A 125 -7.83 -16.76 -33.15
C HIS A 125 -9.34 -16.63 -33.39
N ARG A 126 -10.12 -17.52 -32.75
CA ARG A 126 -11.59 -17.55 -32.82
C ARG A 126 -12.25 -17.98 -34.14
N ASP A 127 -11.48 -18.09 -35.21
CA ASP A 127 -12.07 -18.51 -36.48
C ASP A 127 -11.11 -19.34 -37.33
N LEU A 128 -10.52 -20.35 -36.73
CA LEU A 128 -9.62 -21.22 -37.46
C LEU A 128 -10.43 -22.13 -38.35
N LYS A 129 -9.93 -22.36 -39.57
CA LYS A 129 -10.58 -23.22 -40.55
C LYS A 129 -9.63 -23.42 -41.71
N PRO A 130 -9.93 -24.38 -42.59
CA PRO A 130 -9.07 -24.64 -43.74
C PRO A 130 -8.72 -23.41 -44.58
N GLN A 131 -9.69 -22.51 -44.77
CA GLN A 131 -9.49 -21.29 -45.56
C GLN A 131 -8.40 -20.34 -45.09
N ASN A 132 -8.11 -20.33 -43.79
CA ASN A 132 -7.06 -19.46 -43.26
C ASN A 132 -5.93 -20.20 -42.56
N LEU A 133 -5.51 -21.30 -43.17
CA LEU A 133 -4.39 -22.09 -42.71
C LEU A 133 -3.59 -22.24 -43.99
N LEU A 134 -2.62 -21.35 -44.22
CA LEU A 134 -1.84 -21.38 -45.45
C LEU A 134 -0.62 -22.28 -45.46
N ILE A 135 -0.33 -22.85 -46.63
CA ILE A 135 0.83 -23.73 -46.77
C ILE A 135 1.76 -23.28 -47.90
N ASN A 136 3.05 -23.55 -47.75
CA ASN A 136 4.00 -23.19 -48.77
C ASN A 136 4.59 -24.46 -49.39
N THR A 137 5.65 -24.28 -50.16
CA THR A 137 6.32 -25.37 -50.85
C THR A 137 7.43 -26.02 -50.04
N GLU A 138 7.64 -25.59 -48.81
CA GLU A 138 8.67 -26.17 -47.97
C GLU A 138 8.02 -27.02 -46.88
N GLY A 139 6.81 -27.49 -47.15
CA GLY A 139 6.09 -28.33 -46.21
C GLY A 139 5.67 -27.69 -44.91
N ALA A 140 5.38 -26.40 -44.96
CA ALA A 140 4.95 -25.71 -43.75
C ALA A 140 3.52 -25.25 -43.89
N ILE A 141 2.84 -25.15 -42.76
CA ILE A 141 1.47 -24.66 -42.75
C ILE A 141 1.46 -23.56 -41.69
N LYS A 142 0.77 -22.47 -41.98
CA LYS A 142 0.74 -21.36 -41.03
C LYS A 142 -0.63 -20.73 -40.78
N LEU A 143 -0.85 -20.33 -39.53
CA LEU A 143 -2.09 -19.69 -39.11
C LEU A 143 -2.10 -18.31 -39.75
N ALA A 144 -3.23 -17.94 -40.34
CA ALA A 144 -3.35 -16.65 -40.98
C ALA A 144 -4.70 -15.99 -40.68
N ASP A 145 -4.82 -14.74 -41.09
CA ASP A 145 -6.04 -13.95 -40.96
C ASP A 145 -6.63 -13.87 -39.55
N PHE A 146 -6.01 -13.09 -38.69
CA PHE A 146 -6.47 -12.88 -37.32
C PHE A 146 -7.50 -11.76 -37.24
N GLY A 147 -8.35 -11.70 -38.26
CA GLY A 147 -9.39 -10.69 -38.33
C GLY A 147 -10.52 -10.79 -37.31
N LEU A 148 -10.69 -11.95 -36.68
CA LEU A 148 -11.73 -12.11 -35.66
C LEU A 148 -11.12 -12.48 -34.32
N ALA A 149 -9.81 -12.24 -34.20
CA ALA A 149 -9.07 -12.56 -33.01
C ALA A 149 -9.44 -11.70 -31.82
N ARG A 150 -9.14 -12.23 -30.63
CA ARG A 150 -9.37 -11.51 -29.40
C ARG A 150 -7.98 -11.48 -28.81
N ALA A 151 -7.38 -10.30 -28.74
CA ALA A 151 -6.02 -10.15 -28.21
C ALA A 151 -5.97 -9.21 -27.02
N PHE A 152 -5.34 -9.66 -25.95
CA PHE A 152 -5.23 -8.90 -24.72
C PHE A 152 -6.62 -8.65 -24.17
N GLY A 153 -7.54 -9.52 -24.55
CA GLY A 153 -8.91 -9.42 -24.08
C GLY A 153 -9.75 -8.51 -24.95
N VAL A 154 -9.15 -7.89 -25.97
CA VAL A 154 -9.90 -6.99 -26.82
C VAL A 154 -10.12 -7.61 -28.20
N PRO A 155 -11.37 -7.62 -28.70
CA PRO A 155 -11.70 -8.18 -30.01
C PRO A 155 -11.34 -7.30 -31.19
N VAL A 156 -10.71 -7.87 -32.21
CA VAL A 156 -10.35 -7.15 -33.42
C VAL A 156 -11.65 -6.91 -34.18
N ARG A 157 -12.59 -7.82 -33.97
CA ARG A 157 -13.93 -7.82 -34.56
C ARG A 157 -14.78 -8.80 -33.77
N THR A 158 -16.06 -8.50 -33.66
CA THR A 158 -16.99 -9.36 -32.95
C THR A 158 -17.75 -10.18 -33.99
N TYR A 159 -18.31 -11.32 -33.57
CA TYR A 159 -19.07 -12.19 -34.47
C TYR A 159 -20.33 -11.52 -35.02
N THR A 160 -21.11 -10.94 -34.12
CA THR A 160 -22.37 -10.28 -34.44
C THR A 160 -22.61 -9.86 -35.89
N HIS A 161 -21.56 -9.37 -36.56
CA HIS A 161 -21.65 -8.94 -37.96
C HIS A 161 -20.93 -9.85 -38.96
N GLU A 162 -19.79 -10.42 -38.56
CA GLU A 162 -19.01 -11.30 -39.44
C GLU A 162 -19.36 -12.77 -39.36
N VAL A 163 -20.59 -13.16 -39.70
CA VAL A 163 -20.87 -14.58 -39.60
C VAL A 163 -20.26 -15.35 -40.77
N VAL A 164 -19.15 -16.00 -40.44
CA VAL A 164 -18.37 -16.79 -41.39
C VAL A 164 -19.06 -18.14 -41.59
N THR A 165 -18.37 -19.22 -41.19
CA THR A 165 -18.88 -20.58 -41.25
C THR A 165 -18.90 -20.98 -39.79
N LEU A 166 -19.86 -21.82 -39.43
CA LEU A 166 -20.00 -22.26 -38.05
C LEU A 166 -19.56 -23.70 -37.87
N TRP A 167 -18.96 -24.29 -38.90
CA TRP A 167 -18.54 -25.68 -38.81
C TRP A 167 -17.42 -25.99 -37.82
N TYR A 168 -16.67 -24.97 -37.40
CA TYR A 168 -15.57 -25.18 -36.46
C TYR A 168 -15.75 -24.45 -35.13
N ARG A 169 -16.87 -23.76 -34.99
CA ARG A 169 -17.15 -23.02 -33.77
C ARG A 169 -17.38 -23.98 -32.61
N ALA A 170 -16.65 -23.77 -31.53
CA ALA A 170 -16.78 -24.61 -30.35
C ALA A 170 -18.22 -24.56 -29.88
N PRO A 171 -18.66 -25.57 -29.14
CA PRO A 171 -20.03 -25.64 -28.63
C PRO A 171 -20.31 -24.69 -27.48
N GLU A 172 -19.29 -24.26 -26.74
CA GLU A 172 -19.53 -23.35 -25.63
C GLU A 172 -19.86 -21.95 -26.14
N ILE A 173 -19.33 -21.61 -27.32
CA ILE A 173 -19.62 -20.33 -27.93
C ILE A 173 -21.08 -20.40 -28.38
N LEU A 174 -21.42 -21.52 -29.03
CA LEU A 174 -22.77 -21.78 -29.51
C LEU A 174 -23.83 -21.75 -28.39
N LEU A 175 -23.41 -22.12 -27.18
CA LEU A 175 -24.30 -22.16 -26.03
C LEU A 175 -24.26 -20.84 -25.26
N GLY A 176 -23.64 -19.84 -25.88
CA GLY A 176 -23.54 -18.53 -25.29
C GLY A 176 -22.72 -18.38 -24.03
N CYS A 177 -21.84 -19.34 -23.76
CA CYS A 177 -21.03 -19.27 -22.58
C CYS A 177 -20.39 -17.89 -22.55
N LYS A 178 -20.48 -17.21 -21.42
CA LYS A 178 -19.92 -15.87 -21.31
C LYS A 178 -18.45 -15.84 -20.91
N TYR A 179 -17.87 -17.00 -20.64
CA TYR A 179 -16.46 -17.06 -20.25
C TYR A 179 -15.57 -17.92 -21.12
N TYR A 180 -15.97 -18.13 -22.37
CA TYR A 180 -15.16 -18.94 -23.26
C TYR A 180 -13.76 -18.36 -23.43
N SER A 181 -12.81 -19.19 -23.81
CA SER A 181 -11.43 -18.72 -23.96
C SER A 181 -10.62 -19.51 -24.99
N THR A 182 -9.36 -19.77 -24.66
CA THR A 182 -8.45 -20.48 -25.55
C THR A 182 -8.89 -21.85 -26.06
N ALA A 183 -9.68 -22.58 -25.28
CA ALA A 183 -10.15 -23.89 -25.73
C ALA A 183 -10.92 -23.84 -27.06
N VAL A 184 -11.66 -22.75 -27.32
CA VAL A 184 -12.40 -22.67 -28.57
C VAL A 184 -11.52 -22.92 -29.80
N ASP A 185 -10.29 -22.45 -29.79
CA ASP A 185 -9.39 -22.66 -30.93
C ASP A 185 -8.98 -24.14 -31.06
N ILE A 186 -8.76 -24.80 -29.92
CA ILE A 186 -8.38 -26.21 -29.90
C ILE A 186 -9.47 -27.04 -30.54
N TRP A 187 -10.72 -26.65 -30.32
CA TRP A 187 -11.86 -27.34 -30.89
C TRP A 187 -11.79 -27.25 -32.41
N SER A 188 -11.57 -26.04 -32.90
CA SER A 188 -11.47 -25.81 -34.33
C SER A 188 -10.41 -26.72 -34.95
N LEU A 189 -9.27 -26.82 -34.27
CA LEU A 189 -8.19 -27.68 -34.75
C LEU A 189 -8.60 -29.13 -34.70
N GLY A 190 -9.42 -29.47 -33.71
CA GLY A 190 -9.90 -30.84 -33.58
C GLY A 190 -10.78 -31.20 -34.75
N CYS A 191 -11.61 -30.26 -35.20
CA CYS A 191 -12.49 -30.50 -36.34
C CYS A 191 -11.67 -30.50 -37.63
N ILE A 192 -10.60 -29.73 -37.65
CA ILE A 192 -9.74 -29.66 -38.84
C ILE A 192 -8.83 -30.87 -38.92
N PHE A 193 -8.42 -31.39 -37.77
CA PHE A 193 -7.56 -32.58 -37.71
C PHE A 193 -8.33 -33.78 -38.25
N ALA A 194 -9.62 -33.82 -37.95
CA ALA A 194 -10.45 -34.93 -38.41
C ALA A 194 -10.68 -34.78 -39.90
N GLU A 195 -11.21 -33.62 -40.30
CA GLU A 195 -11.49 -33.35 -41.70
C GLU A 195 -10.30 -33.72 -42.58
N MET A 196 -9.08 -33.43 -42.15
CA MET A 196 -7.93 -33.79 -42.97
C MET A 196 -7.99 -35.29 -43.25
N VAL A 197 -7.98 -36.06 -42.16
CA VAL A 197 -8.02 -37.51 -42.23
C VAL A 197 -9.13 -38.12 -43.08
N THR A 198 -10.35 -37.60 -42.97
CA THR A 198 -11.46 -38.16 -43.71
C THR A 198 -11.77 -37.49 -45.04
N ARG A 199 -11.21 -36.31 -45.27
CA ARG A 199 -11.47 -35.56 -46.51
C ARG A 199 -12.84 -34.89 -46.43
N ARG A 200 -13.57 -35.12 -45.34
CA ARG A 200 -14.90 -34.56 -45.14
C ARG A 200 -14.97 -33.71 -43.86
N ALA A 201 -15.83 -32.68 -43.85
CA ALA A 201 -16.00 -31.79 -42.69
C ALA A 201 -16.66 -32.52 -41.52
N LEU A 202 -16.06 -32.44 -40.35
CA LEU A 202 -16.58 -33.13 -39.17
C LEU A 202 -18.00 -32.75 -38.76
N PHE A 203 -18.34 -31.48 -38.70
CA PHE A 203 -19.69 -31.09 -38.31
C PHE A 203 -20.42 -30.30 -39.41
N PRO A 204 -20.73 -30.98 -40.53
CA PRO A 204 -21.42 -30.49 -41.75
C PRO A 204 -22.79 -29.91 -41.44
N GLY A 205 -22.84 -29.04 -40.44
CA GLY A 205 -24.10 -28.46 -40.04
C GLY A 205 -24.66 -27.40 -40.94
N ASP A 206 -25.97 -27.28 -40.92
CA ASP A 206 -26.68 -26.26 -41.69
C ASP A 206 -26.37 -25.01 -40.86
N SER A 207 -27.35 -24.27 -40.34
CA SER A 207 -26.94 -23.11 -39.56
C SER A 207 -27.41 -22.87 -38.14
N GLU A 208 -26.54 -22.17 -37.42
CA GLU A 208 -26.72 -21.79 -36.03
C GLU A 208 -27.39 -22.89 -35.22
N ILE A 209 -28.68 -23.08 -35.45
CA ILE A 209 -29.41 -24.13 -34.75
C ILE A 209 -28.85 -25.50 -35.11
N ASP A 210 -29.05 -25.96 -36.33
CA ASP A 210 -28.57 -27.29 -36.68
C ASP A 210 -27.19 -27.55 -36.09
N GLN A 211 -26.21 -26.73 -36.48
CA GLN A 211 -24.83 -26.86 -36.02
C GLN A 211 -24.67 -27.42 -34.62
N LEU A 212 -25.37 -26.85 -33.65
CA LEU A 212 -25.28 -27.31 -32.28
C LEU A 212 -25.81 -28.74 -32.15
N PHE A 213 -26.86 -29.04 -32.91
CA PHE A 213 -27.47 -30.37 -32.87
C PHE A 213 -26.63 -31.33 -33.69
N ARG A 214 -26.00 -30.81 -34.73
CA ARG A 214 -25.14 -31.60 -35.58
C ARG A 214 -24.04 -32.19 -34.72
N ILE A 215 -23.65 -31.42 -33.70
CA ILE A 215 -22.61 -31.85 -32.78
C ILE A 215 -23.20 -32.80 -31.76
N PHE A 216 -24.43 -32.55 -31.35
CA PHE A 216 -25.08 -33.41 -30.37
C PHE A 216 -25.34 -34.80 -30.93
N ARG A 217 -25.75 -34.84 -32.19
CA ARG A 217 -26.07 -36.09 -32.87
C ARG A 217 -24.81 -36.90 -33.18
N THR A 218 -23.65 -36.30 -32.93
CA THR A 218 -22.38 -36.99 -33.19
C THR A 218 -21.61 -37.29 -31.92
N LEU A 219 -21.60 -36.33 -30.99
CA LEU A 219 -20.88 -36.52 -29.74
C LEU A 219 -21.81 -36.78 -28.56
N GLY A 220 -23.11 -36.75 -28.81
CA GLY A 220 -24.07 -36.97 -27.74
C GLY A 220 -24.39 -35.70 -26.98
N THR A 221 -25.65 -35.51 -26.61
CA THR A 221 -26.07 -34.33 -25.87
C THR A 221 -25.41 -34.29 -24.50
N PRO A 222 -24.55 -33.30 -24.25
CA PRO A 222 -23.87 -33.21 -22.96
C PRO A 222 -24.80 -32.99 -21.79
N ASP A 223 -24.34 -33.42 -20.62
CA ASP A 223 -25.07 -33.29 -19.36
C ASP A 223 -24.09 -32.78 -18.30
N GLU A 224 -24.57 -32.68 -17.06
CA GLU A 224 -23.77 -32.20 -15.94
C GLU A 224 -22.65 -33.15 -15.50
N VAL A 225 -22.70 -34.39 -16.00
CA VAL A 225 -21.70 -35.39 -15.66
C VAL A 225 -20.46 -35.17 -16.53
N VAL A 226 -20.68 -35.14 -17.84
CA VAL A 226 -19.57 -34.94 -18.77
C VAL A 226 -19.17 -33.48 -18.83
N TRP A 227 -20.13 -32.58 -18.59
CA TRP A 227 -19.85 -31.15 -18.64
C TRP A 227 -20.53 -30.39 -17.50
N PRO A 228 -19.85 -30.26 -16.35
CA PRO A 228 -20.45 -29.53 -15.22
C PRO A 228 -20.74 -28.07 -15.59
N GLY A 229 -22.00 -27.68 -15.47
CA GLY A 229 -22.36 -26.31 -15.80
C GLY A 229 -23.11 -26.10 -17.11
N VAL A 230 -23.22 -27.14 -17.96
CA VAL A 230 -23.92 -27.02 -19.24
C VAL A 230 -25.32 -26.47 -19.10
N THR A 231 -26.13 -27.16 -18.30
CA THR A 231 -27.52 -26.78 -18.09
C THR A 231 -27.72 -25.35 -17.59
N SER A 232 -26.62 -24.67 -17.28
CA SER A 232 -26.73 -23.29 -16.82
C SER A 232 -26.29 -22.31 -17.89
N MET A 233 -25.85 -22.82 -19.02
CA MET A 233 -25.39 -21.97 -20.11
C MET A 233 -26.55 -21.10 -20.60
N PRO A 234 -26.27 -19.83 -20.93
CA PRO A 234 -27.29 -18.89 -21.41
C PRO A 234 -28.25 -19.45 -22.46
N ASP A 235 -27.69 -20.12 -23.46
CA ASP A 235 -28.51 -20.67 -24.53
C ASP A 235 -28.78 -22.16 -24.46
N TYR A 236 -28.61 -22.75 -23.28
CA TYR A 236 -28.91 -24.16 -23.10
C TYR A 236 -30.44 -24.26 -22.97
N LYS A 237 -31.01 -25.34 -23.48
CA LYS A 237 -32.46 -25.55 -23.42
C LYS A 237 -32.80 -26.92 -22.84
N PRO A 238 -33.55 -26.95 -21.72
CA PRO A 238 -33.92 -28.22 -21.09
C PRO A 238 -34.70 -29.09 -22.06
N SER A 239 -35.34 -28.46 -23.04
CA SER A 239 -36.11 -29.23 -24.01
C SER A 239 -35.25 -29.83 -25.15
N PHE A 240 -33.93 -29.72 -25.03
CA PHE A 240 -33.04 -30.27 -26.05
C PHE A 240 -33.20 -31.79 -26.17
N PRO A 241 -33.00 -32.34 -27.38
CA PRO A 241 -33.11 -33.78 -27.67
C PRO A 241 -31.92 -34.50 -27.04
N LYS A 242 -32.17 -35.62 -26.36
CA LYS A 242 -31.09 -36.35 -25.72
C LYS A 242 -30.41 -37.44 -26.56
N TRP A 243 -29.63 -37.02 -27.54
CA TRP A 243 -28.90 -37.94 -28.41
C TRP A 243 -27.73 -38.56 -27.66
N ALA A 244 -27.16 -39.60 -28.25
CA ALA A 244 -26.03 -40.30 -27.65
C ALA A 244 -24.81 -40.33 -28.56
N ARG A 245 -23.64 -40.61 -27.97
CA ARG A 245 -22.40 -40.68 -28.71
C ARG A 245 -22.54 -41.59 -29.92
N GLN A 246 -21.64 -41.43 -30.88
CA GLN A 246 -21.64 -42.30 -32.04
C GLN A 246 -20.31 -43.01 -31.91
N ASP A 247 -20.20 -44.19 -32.53
CA ASP A 247 -18.97 -44.96 -32.48
C ASP A 247 -17.94 -44.18 -33.29
N PHE A 248 -17.12 -43.39 -32.59
CA PHE A 248 -16.10 -42.57 -33.24
C PHE A 248 -15.28 -43.41 -34.21
N SER A 249 -15.09 -44.67 -33.85
CA SER A 249 -14.32 -45.63 -34.64
C SER A 249 -14.88 -45.68 -36.05
N LYS A 250 -16.11 -45.21 -36.20
CA LYS A 250 -16.79 -45.21 -37.48
C LYS A 250 -16.83 -43.79 -38.04
N VAL A 251 -16.57 -42.79 -37.20
CA VAL A 251 -16.56 -41.39 -37.65
C VAL A 251 -15.25 -41.09 -38.40
N VAL A 252 -14.12 -41.22 -37.72
CA VAL A 252 -12.81 -41.02 -38.35
C VAL A 252 -12.19 -42.42 -38.38
N PRO A 253 -12.60 -43.23 -39.37
CA PRO A 253 -12.03 -44.58 -39.40
C PRO A 253 -10.51 -44.74 -39.58
N PRO A 254 -9.93 -44.19 -40.65
CA PRO A 254 -8.48 -44.38 -40.79
C PRO A 254 -7.56 -43.95 -39.63
N LEU A 255 -8.11 -43.62 -38.48
CA LEU A 255 -7.30 -43.14 -37.35
C LEU A 255 -6.78 -44.24 -36.40
N ASP A 256 -5.49 -44.18 -36.08
CA ASP A 256 -4.89 -45.15 -35.17
C ASP A 256 -5.15 -44.82 -33.71
N GLU A 257 -4.95 -45.79 -32.82
CA GLU A 257 -5.23 -45.60 -31.38
C GLU A 257 -4.73 -44.30 -30.78
N ASP A 258 -3.72 -43.69 -31.40
CA ASP A 258 -3.19 -42.43 -30.88
C ASP A 258 -3.99 -41.27 -31.44
N GLY A 259 -4.31 -41.36 -32.73
CA GLY A 259 -5.06 -40.32 -33.40
C GLY A 259 -6.33 -39.95 -32.68
N ARG A 260 -7.17 -40.95 -32.40
CA ARG A 260 -8.43 -40.69 -31.70
C ARG A 260 -8.08 -40.27 -30.27
N SER A 261 -6.92 -40.72 -29.80
CA SER A 261 -6.48 -40.39 -28.45
C SER A 261 -6.21 -38.91 -28.36
N LEU A 262 -5.81 -38.30 -29.46
CA LEU A 262 -5.55 -36.87 -29.45
C LEU A 262 -6.84 -36.16 -29.84
N LEU A 263 -7.54 -36.67 -30.84
CA LEU A 263 -8.78 -36.01 -31.25
C LEU A 263 -9.84 -36.01 -30.15
N SER A 264 -9.94 -37.12 -29.42
CA SER A 264 -10.93 -37.22 -28.35
C SER A 264 -10.69 -36.18 -27.25
N GLN A 265 -9.44 -35.76 -27.08
CA GLN A 265 -9.13 -34.77 -26.04
C GLN A 265 -9.23 -33.33 -26.52
N MET A 266 -9.18 -33.14 -27.83
CA MET A 266 -9.32 -31.82 -28.40
C MET A 266 -10.82 -31.56 -28.56
N LEU A 267 -11.61 -32.63 -28.47
CA LEU A 267 -13.05 -32.55 -28.62
C LEU A 267 -13.88 -32.77 -27.37
N HIS A 268 -13.33 -32.44 -26.21
CA HIS A 268 -14.08 -32.58 -24.96
C HIS A 268 -15.08 -31.43 -24.87
N TYR A 269 -16.31 -31.73 -24.49
CA TYR A 269 -17.34 -30.70 -24.37
C TYR A 269 -16.92 -29.64 -23.35
N ASP A 270 -16.35 -30.10 -22.25
CA ASP A 270 -15.92 -29.22 -21.18
C ASP A 270 -14.63 -28.45 -21.55
N PRO A 271 -14.70 -27.12 -21.59
CA PRO A 271 -13.50 -26.36 -21.93
C PRO A 271 -12.41 -26.60 -20.90
N ASN A 272 -12.81 -26.95 -19.67
CA ASN A 272 -11.86 -27.21 -18.58
C ASN A 272 -11.13 -28.54 -18.71
N LYS A 273 -11.74 -29.48 -19.42
CA LYS A 273 -11.14 -30.78 -19.62
C LYS A 273 -10.43 -30.84 -20.97
N ARG A 274 -10.89 -30.05 -21.92
CA ARG A 274 -10.29 -30.04 -23.25
C ARG A 274 -8.79 -29.83 -23.14
N ILE A 275 -8.05 -30.52 -23.99
CA ILE A 275 -6.60 -30.44 -23.99
C ILE A 275 -6.12 -29.07 -24.49
N SER A 276 -4.96 -28.64 -24.01
CA SER A 276 -4.40 -27.37 -24.44
C SER A 276 -3.45 -27.60 -25.63
N ALA A 277 -2.99 -26.53 -26.26
CA ALA A 277 -2.08 -26.67 -27.39
C ALA A 277 -0.77 -27.24 -26.88
N LYS A 278 -0.22 -26.59 -25.85
CA LYS A 278 1.02 -27.01 -25.25
C LYS A 278 0.94 -28.51 -24.97
N ALA A 279 -0.07 -28.89 -24.19
CA ALA A 279 -0.31 -30.27 -23.79
C ALA A 279 -0.37 -31.26 -24.95
N ALA A 280 -1.03 -30.87 -26.02
CA ALA A 280 -1.15 -31.76 -27.17
C ALA A 280 0.21 -31.97 -27.84
N LEU A 281 1.09 -30.98 -27.72
CA LEU A 281 2.42 -31.11 -28.30
C LEU A 281 3.20 -32.30 -27.76
N ALA A 282 2.98 -32.63 -26.49
CA ALA A 282 3.66 -33.76 -25.86
C ALA A 282 2.85 -35.07 -25.97
N HIS A 283 1.79 -35.06 -26.77
CA HIS A 283 0.97 -36.24 -26.95
C HIS A 283 1.74 -37.25 -27.78
N PRO A 284 1.67 -38.53 -27.39
CA PRO A 284 2.38 -39.59 -28.14
C PRO A 284 2.13 -39.63 -29.64
N PHE A 285 0.95 -39.22 -30.09
CA PHE A 285 0.68 -39.23 -31.53
C PHE A 285 1.77 -38.42 -32.26
N PHE A 286 2.45 -37.55 -31.53
CA PHE A 286 3.52 -36.74 -32.11
C PHE A 286 4.87 -37.33 -31.73
N GLN A 287 4.86 -38.62 -31.42
CA GLN A 287 6.09 -39.33 -31.05
C GLN A 287 7.10 -39.33 -32.20
N ASP A 288 6.61 -39.65 -33.39
CA ASP A 288 7.44 -39.73 -34.59
C ASP A 288 7.00 -38.71 -35.64
N VAL A 289 7.27 -37.44 -35.36
CA VAL A 289 6.89 -36.37 -36.27
C VAL A 289 8.02 -35.91 -37.18
N THR A 290 7.80 -36.02 -38.48
CA THR A 290 8.78 -35.55 -39.45
C THR A 290 8.24 -34.27 -40.06
N LYS A 291 8.74 -33.92 -41.23
CA LYS A 291 8.29 -32.71 -41.92
C LYS A 291 8.39 -32.92 -43.41
N PRO A 292 7.52 -33.78 -43.96
CA PRO A 292 7.50 -34.07 -45.39
C PRO A 292 7.16 -32.77 -46.10
N VAL A 293 7.42 -32.71 -47.39
CA VAL A 293 7.09 -31.52 -48.15
C VAL A 293 6.39 -32.00 -49.41
N PRO A 294 5.10 -31.68 -49.51
CA PRO A 294 4.23 -32.05 -50.62
C PRO A 294 4.61 -31.33 -51.89
N HIS A 295 4.00 -31.76 -52.98
CA HIS A 295 4.20 -31.09 -54.25
C HIS A 295 2.92 -30.30 -54.28
N LEU A 296 2.99 -29.00 -54.52
CA LEU A 296 1.77 -28.20 -54.55
C LEU A 296 1.17 -28.08 -55.95
N ARG A 297 -0.15 -28.15 -55.99
CA ARG A 297 -0.89 -28.03 -57.23
C ARG A 297 -1.09 -26.51 -57.36
N LEU A 298 -0.14 -25.84 -58.01
CA LEU A 298 -0.22 -24.39 -58.14
C LEU A 298 -0.56 -23.93 -59.57
N PHE B 6 -11.42 -4.99 -22.48
CA PHE B 6 -10.83 -5.87 -21.43
C PHE B 6 -11.83 -6.23 -20.32
N GLN B 7 -12.16 -7.51 -20.22
CA GLN B 7 -13.08 -7.99 -19.19
C GLN B 7 -12.27 -8.62 -18.04
N GLY B 8 -11.18 -7.94 -17.68
CA GLY B 8 -10.32 -8.42 -16.62
C GLY B 8 -8.95 -8.75 -17.19
N PHE B 9 -8.66 -10.04 -17.26
CA PHE B 9 -7.38 -10.54 -17.78
C PHE B 9 -7.76 -11.76 -18.61
N LEU B 10 -8.67 -11.54 -19.57
CA LEU B 10 -9.17 -12.60 -20.43
C LEU B 10 -8.04 -13.38 -21.12
N ASP B 11 -8.25 -14.69 -21.27
CA ASP B 11 -7.31 -15.53 -21.98
C ASP B 11 -5.90 -15.53 -21.43
N SER B 12 -5.76 -15.72 -20.13
CA SER B 12 -4.43 -15.67 -19.49
C SER B 12 -4.03 -16.90 -18.66
N SER B 13 -4.90 -17.91 -18.61
CA SER B 13 -4.63 -19.10 -17.82
C SER B 13 -3.39 -19.90 -18.17
N LEU B 14 -3.02 -19.94 -19.45
CA LEU B 14 -1.87 -20.72 -19.90
C LEU B 14 -0.51 -20.04 -19.81
N LEU B 15 -0.48 -18.84 -19.24
CA LEU B 15 0.76 -18.10 -19.10
C LEU B 15 1.65 -18.67 -18.00
N ASN B 16 2.96 -18.64 -18.26
CA ASN B 16 3.95 -19.08 -17.29
C ASN B 16 4.86 -17.89 -17.04
N GLU B 17 5.42 -17.80 -15.84
CA GLU B 17 6.28 -16.68 -15.48
C GLU B 17 7.03 -16.03 -16.65
N GLU B 18 7.70 -16.83 -17.47
CA GLU B 18 8.47 -16.28 -18.57
C GLU B 18 7.68 -15.41 -19.54
N ASP B 19 6.42 -15.78 -19.80
CA ASP B 19 5.59 -15.02 -20.72
C ASP B 19 5.32 -13.64 -20.13
N CYS B 20 5.02 -13.61 -18.83
CA CYS B 20 4.75 -12.38 -18.12
C CYS B 20 6.01 -11.52 -18.11
N ARG B 21 7.16 -12.17 -18.09
CA ARG B 21 8.41 -11.44 -18.09
C ARG B 21 8.64 -10.82 -19.45
N GLN B 22 8.28 -11.54 -20.52
CA GLN B 22 8.42 -11.02 -21.87
C GLN B 22 7.65 -9.74 -22.03
N MET B 23 6.46 -9.71 -21.44
CA MET B 23 5.56 -8.56 -21.49
C MET B 23 6.18 -7.40 -20.73
N ILE B 24 6.78 -7.69 -19.59
CA ILE B 24 7.41 -6.64 -18.81
C ILE B 24 8.57 -6.07 -19.60
N TYR B 25 9.34 -6.94 -20.23
CA TYR B 25 10.48 -6.53 -21.03
C TYR B 25 9.99 -5.64 -22.17
N ARG B 26 8.77 -5.88 -22.61
CA ARG B 26 8.24 -5.09 -23.70
C ARG B 26 7.83 -3.70 -23.26
N SER B 27 7.43 -3.54 -22.00
CA SER B 27 7.05 -2.21 -21.53
C SER B 27 8.34 -1.47 -21.17
N GLU B 28 9.39 -2.23 -20.87
CA GLU B 28 10.68 -1.63 -20.54
C GLU B 28 11.22 -0.95 -21.79
N ARG B 29 11.12 -1.66 -22.91
CA ARG B 29 11.57 -1.17 -24.19
C ARG B 29 10.74 0.01 -24.67
N GLU B 30 9.43 -0.06 -24.47
CA GLU B 30 8.55 1.02 -24.89
C GLU B 30 8.85 2.25 -24.06
N HIS B 31 9.16 2.05 -22.77
CA HIS B 31 9.51 3.14 -21.88
C HIS B 31 10.77 3.81 -22.42
N ASP B 32 11.74 2.99 -22.79
CA ASP B 32 13.00 3.50 -23.33
C ASP B 32 12.76 4.30 -24.61
N ALA B 33 12.09 3.68 -25.58
CA ALA B 33 11.82 4.34 -26.85
C ALA B 33 11.12 5.66 -26.61
N ARG B 34 10.28 5.69 -25.58
CA ARG B 34 9.52 6.87 -25.26
C ARG B 34 10.34 7.81 -24.41
N MET B 35 11.47 7.32 -23.90
CA MET B 35 12.32 8.12 -23.03
C MET B 35 13.57 8.74 -23.68
N VAL B 36 14.13 8.09 -24.69
CA VAL B 36 15.30 8.64 -25.35
C VAL B 36 14.82 9.81 -26.22
N GLY B 37 13.84 10.53 -25.68
CA GLY B 37 13.27 11.67 -26.37
C GLY B 37 14.13 12.93 -26.30
N VAL B 38 13.44 14.05 -26.48
CA VAL B 38 14.06 15.37 -26.48
C VAL B 38 13.46 16.16 -25.30
N ASN B 39 14.30 16.74 -24.45
CA ASN B 39 13.82 17.51 -23.30
C ASN B 39 12.82 16.69 -22.50
N VAL B 40 13.20 15.47 -22.11
CA VAL B 40 12.28 14.61 -21.35
C VAL B 40 11.71 15.27 -20.10
N ASP B 41 12.56 15.63 -19.15
CA ASP B 41 12.12 16.24 -17.91
C ASP B 41 11.28 17.50 -18.11
N GLN B 42 11.64 18.30 -19.09
CA GLN B 42 10.94 19.54 -19.37
C GLN B 42 9.48 19.31 -19.75
N HIS B 43 9.25 18.22 -20.47
CA HIS B 43 7.90 17.92 -20.88
C HIS B 43 7.07 17.45 -19.68
N PHE B 44 7.65 16.61 -18.84
CA PHE B 44 6.91 16.09 -17.69
C PHE B 44 6.66 17.07 -16.55
N THR B 45 7.49 18.10 -16.46
CA THR B 45 7.31 19.09 -15.42
C THR B 45 6.46 20.25 -15.92
N SER B 46 6.32 20.36 -17.24
CA SER B 46 5.56 21.45 -17.85
C SER B 46 4.15 21.57 -17.32
N GLN B 47 3.60 22.76 -17.46
CA GLN B 47 2.25 23.03 -17.03
C GLN B 47 1.26 22.61 -18.11
N TYR B 48 1.70 22.61 -19.37
CA TYR B 48 0.81 22.22 -20.45
C TYR B 48 0.52 20.73 -20.43
N ARG B 49 1.42 19.94 -19.86
CA ARG B 49 1.18 18.51 -19.81
C ARG B 49 0.11 18.21 -18.77
N LYS B 50 0.02 19.07 -17.77
CA LYS B 50 -0.98 18.90 -16.72
C LYS B 50 -2.36 19.15 -17.30
N VAL B 51 -2.50 20.22 -18.08
CA VAL B 51 -3.78 20.56 -18.69
C VAL B 51 -4.23 19.46 -19.68
N LEU B 52 -3.31 19.03 -20.53
CA LEU B 52 -3.58 18.02 -21.51
C LEU B 52 -4.03 16.67 -20.93
N THR B 53 -3.38 16.19 -19.87
CA THR B 53 -3.76 14.90 -19.28
C THR B 53 -5.05 14.96 -18.46
N THR B 54 -5.29 16.07 -17.77
CA THR B 54 -6.50 16.17 -16.97
C THR B 54 -7.70 16.41 -17.89
N TRP B 55 -7.43 16.97 -19.08
CA TRP B 55 -8.46 17.20 -20.05
C TRP B 55 -8.88 15.86 -20.62
N MET B 56 -7.91 15.14 -21.18
CA MET B 56 -8.19 13.83 -21.75
C MET B 56 -8.91 12.97 -20.72
N PHE B 57 -8.52 13.13 -19.46
CA PHE B 57 -9.09 12.36 -18.36
C PHE B 57 -10.57 12.63 -18.17
N CYS B 58 -10.96 13.90 -18.17
N CYS B 58 -10.93 13.91 -18.19
CA CYS B 58 -12.36 14.20 -18.01
CA CYS B 58 -12.31 14.34 -18.03
C CYS B 58 -13.13 13.78 -19.24
C CYS B 58 -13.12 13.85 -19.23
N VAL B 59 -12.52 13.94 -20.41
CA VAL B 59 -13.17 13.54 -21.65
C VAL B 59 -13.48 12.06 -21.61
N CYS B 60 -12.54 11.27 -21.11
CA CYS B 60 -12.73 9.83 -21.01
C CYS B 60 -13.80 9.49 -19.99
N LYS B 61 -13.88 10.26 -18.91
CA LYS B 61 -14.87 10.00 -17.89
C LYS B 61 -16.26 10.37 -18.43
N ASP B 62 -16.34 11.52 -19.10
CA ASP B 62 -17.60 11.97 -19.66
C ASP B 62 -18.11 10.98 -20.72
N LEU B 63 -17.33 10.75 -21.78
CA LEU B 63 -17.74 9.80 -22.83
C LEU B 63 -17.82 8.38 -22.29
N ARG B 64 -17.54 8.23 -21.00
CA ARG B 64 -17.59 6.92 -20.36
C ARG B 64 -16.83 5.85 -21.13
N GLN B 65 -15.53 6.10 -21.31
CA GLN B 65 -14.67 5.21 -22.08
C GLN B 65 -14.04 4.04 -21.37
N ASP B 66 -13.60 3.04 -22.15
CA ASP B 66 -12.94 1.86 -21.58
C ASP B 66 -11.86 2.44 -20.70
N ASN B 67 -11.63 1.82 -19.54
CA ASN B 67 -10.65 2.33 -18.61
C ASN B 67 -9.19 2.16 -19.00
N ASN B 68 -8.94 1.63 -20.19
CA ASN B 68 -7.57 1.50 -20.62
C ASN B 68 -7.26 2.50 -21.72
N VAL B 69 -8.28 3.25 -22.13
CA VAL B 69 -8.12 4.24 -23.20
C VAL B 69 -7.26 5.41 -22.75
N PHE B 70 -7.62 6.02 -21.62
CA PHE B 70 -6.88 7.15 -21.05
C PHE B 70 -5.40 6.79 -20.80
N PRO B 71 -5.12 5.62 -20.19
CA PRO B 71 -3.75 5.20 -19.91
C PRO B 71 -2.89 5.16 -21.18
N LEU B 72 -3.42 4.54 -22.23
CA LEU B 72 -2.71 4.44 -23.51
C LEU B 72 -2.58 5.81 -24.15
N ALA B 73 -3.67 6.56 -24.15
CA ALA B 73 -3.69 7.89 -24.73
C ALA B 73 -2.57 8.72 -24.14
N VAL B 74 -2.27 8.50 -22.86
CA VAL B 74 -1.21 9.25 -22.19
C VAL B 74 0.18 8.76 -22.62
N ALA B 75 0.35 7.45 -22.74
CA ALA B 75 1.64 6.88 -23.16
C ALA B 75 1.98 7.35 -24.57
N LEU B 76 0.94 7.50 -25.39
CA LEU B 76 1.06 7.91 -26.78
C LEU B 76 1.24 9.40 -26.97
N LEU B 77 0.66 10.17 -26.07
CA LEU B 77 0.79 11.62 -26.13
C LEU B 77 2.23 11.98 -25.81
N ASP B 78 2.81 11.28 -24.83
CA ASP B 78 4.18 11.50 -24.39
C ASP B 78 5.21 11.18 -25.47
N GLU B 79 5.07 10.05 -26.15
CA GLU B 79 6.02 9.72 -27.18
C GLU B 79 5.92 10.70 -28.33
N LEU B 80 4.73 11.19 -28.60
CA LEU B 80 4.54 12.14 -29.69
C LEU B 80 5.17 13.48 -29.37
N PHE B 81 5.10 13.89 -28.11
CA PHE B 81 5.67 15.16 -27.70
C PHE B 81 7.18 15.06 -27.60
N LEU B 82 7.68 13.89 -27.23
CA LEU B 82 9.12 13.71 -27.10
C LEU B 82 9.79 13.26 -28.41
N SER B 83 9.01 12.73 -29.35
CA SER B 83 9.58 12.24 -30.60
C SER B 83 9.42 13.15 -31.80
N THR B 84 8.82 14.32 -31.61
CA THR B 84 8.63 15.25 -32.70
C THR B 84 8.51 16.65 -32.14
N ARG B 85 8.53 17.64 -33.01
CA ARG B 85 8.39 19.01 -32.56
C ARG B 85 6.97 19.42 -32.84
N ILE B 86 6.28 19.85 -31.80
CA ILE B 86 4.89 20.25 -31.92
C ILE B 86 4.75 21.74 -31.63
N ASP B 87 3.93 22.43 -32.42
CA ASP B 87 3.73 23.85 -32.21
C ASP B 87 2.66 23.99 -31.14
N ARG B 88 2.80 24.98 -30.27
CA ARG B 88 1.82 25.16 -29.20
C ARG B 88 0.36 25.16 -29.68
N GLU B 89 0.12 25.67 -30.89
CA GLU B 89 -1.25 25.70 -31.45
C GLU B 89 -1.83 24.31 -31.60
N ASN B 90 -0.99 23.32 -31.90
CA ASN B 90 -1.46 21.96 -32.11
C ASN B 90 -1.39 21.04 -30.89
N TYR B 91 -1.10 21.57 -29.71
CA TYR B 91 -1.04 20.75 -28.51
C TYR B 91 -2.39 20.09 -28.22
N GLN B 92 -3.42 20.90 -28.01
CA GLN B 92 -4.74 20.38 -27.73
C GLN B 92 -5.15 19.34 -28.77
N SER B 93 -4.84 19.63 -30.03
CA SER B 93 -5.17 18.75 -31.15
C SER B 93 -4.45 17.42 -31.03
N THR B 94 -3.20 17.46 -30.60
CA THR B 94 -2.39 16.26 -30.42
C THR B 94 -3.03 15.40 -29.31
N ALA B 95 -3.47 16.06 -28.25
CA ALA B 95 -4.08 15.36 -27.13
C ALA B 95 -5.36 14.67 -27.60
N ALA B 96 -6.02 15.25 -28.59
CA ALA B 96 -7.23 14.66 -29.12
C ALA B 96 -6.91 13.44 -29.99
N VAL B 97 -5.81 13.52 -30.74
CA VAL B 97 -5.39 12.45 -31.61
C VAL B 97 -4.96 11.25 -30.79
N ALA B 98 -4.19 11.52 -29.73
CA ALA B 98 -3.72 10.48 -28.85
C ALA B 98 -4.95 9.74 -28.30
N LEU B 99 -5.98 10.51 -27.99
CA LEU B 99 -7.22 9.99 -27.46
C LEU B 99 -7.93 9.18 -28.53
N HIS B 100 -7.99 9.73 -29.73
CA HIS B 100 -8.66 9.05 -30.84
C HIS B 100 -7.98 7.74 -31.21
N ILE B 101 -6.64 7.74 -31.21
CA ILE B 101 -5.89 6.54 -31.55
C ILE B 101 -5.99 5.46 -30.46
N ALA B 102 -6.02 5.87 -29.20
CA ALA B 102 -6.11 4.95 -28.08
C ALA B 102 -7.45 4.21 -28.12
N GLY B 103 -8.49 4.93 -28.53
CA GLY B 103 -9.81 4.34 -28.64
C GLY B 103 -9.84 3.24 -29.69
N LYS B 104 -9.19 3.50 -30.83
CA LYS B 104 -9.12 2.52 -31.90
C LYS B 104 -8.44 1.25 -31.43
N VAL B 105 -7.76 1.31 -30.30
CA VAL B 105 -7.05 0.15 -29.79
C VAL B 105 -7.78 -0.55 -28.65
N ARG B 106 -8.23 0.23 -27.68
CA ARG B 106 -8.87 -0.32 -26.48
C ARG B 106 -10.35 -0.04 -26.30
N ALA B 107 -10.92 0.89 -27.06
CA ALA B 107 -12.32 1.24 -26.86
C ALA B 107 -13.35 0.29 -27.45
N TYR B 108 -14.44 0.10 -26.74
CA TYR B 108 -15.50 -0.72 -27.26
C TYR B 108 -16.31 0.27 -28.12
N MET B 109 -16.84 1.31 -27.48
CA MET B 109 -17.61 2.35 -28.17
C MET B 109 -16.63 3.26 -28.87
N PRO B 110 -16.59 3.23 -30.21
CA PRO B 110 -15.66 4.09 -30.94
C PRO B 110 -15.68 5.55 -30.49
N ILE B 111 -14.50 6.17 -30.47
CA ILE B 111 -14.37 7.58 -30.08
C ILE B 111 -14.35 8.44 -31.35
N LYS B 112 -15.42 9.17 -31.63
CA LYS B 112 -15.52 9.98 -32.85
C LYS B 112 -14.72 11.27 -32.98
N ALA B 113 -14.06 11.42 -34.12
CA ALA B 113 -13.26 12.60 -34.43
C ALA B 113 -14.08 13.91 -34.45
N THR B 114 -15.28 13.85 -35.02
CA THR B 114 -16.15 15.02 -35.10
C THR B 114 -16.53 15.48 -33.70
N GLN B 115 -16.75 14.52 -32.82
CA GLN B 115 -17.11 14.84 -31.45
C GLN B 115 -15.91 15.41 -30.74
N LEU B 116 -14.72 14.86 -30.99
CA LEU B 116 -13.52 15.35 -30.36
C LEU B 116 -13.17 16.76 -30.87
N ALA B 117 -13.35 16.99 -32.16
CA ALA B 117 -13.06 18.29 -32.74
C ALA B 117 -13.94 19.32 -32.02
N TYR B 118 -15.20 18.97 -31.86
CA TYR B 118 -16.17 19.81 -31.18
C TYR B 118 -15.73 20.11 -29.75
N LEU B 119 -15.34 19.08 -29.01
CA LEU B 119 -14.90 19.27 -27.64
C LEU B 119 -13.67 20.19 -27.64
N CYS B 120 -12.86 20.10 -28.69
CA CYS B 120 -11.67 20.94 -28.78
C CYS B 120 -12.06 22.38 -29.03
N GLY B 121 -13.09 22.59 -29.84
CA GLY B 121 -13.54 23.94 -30.14
C GLY B 121 -12.51 24.71 -30.94
N GLY B 122 -12.88 25.90 -31.41
CA GLY B 122 -11.96 26.69 -32.19
C GLY B 122 -12.10 26.40 -33.67
N ALA B 123 -10.97 26.32 -34.37
CA ALA B 123 -10.98 26.03 -35.79
C ALA B 123 -10.74 24.54 -36.04
N THR B 124 -10.78 23.76 -34.96
CA THR B 124 -10.56 22.33 -35.01
C THR B 124 -11.71 21.58 -35.68
N THR B 125 -11.36 20.68 -36.61
CA THR B 125 -12.35 19.87 -37.32
C THR B 125 -11.86 18.44 -37.41
N ALA B 126 -12.79 17.53 -37.66
CA ALA B 126 -12.46 16.13 -37.78
C ALA B 126 -11.40 15.97 -38.85
N ASP B 127 -11.60 16.65 -39.97
CA ASP B 127 -10.66 16.56 -41.08
C ASP B 127 -9.22 16.89 -40.63
N LYS B 128 -9.07 17.90 -39.79
CA LYS B 128 -7.74 18.25 -39.30
C LYS B 128 -7.17 17.22 -38.34
N LEU B 129 -8.01 16.70 -37.45
CA LEU B 129 -7.56 15.70 -36.49
C LEU B 129 -7.13 14.41 -37.19
N LEU B 130 -7.82 14.04 -38.28
CA LEU B 130 -7.50 12.83 -39.03
C LEU B 130 -6.22 12.98 -39.85
N THR B 131 -5.94 14.18 -40.30
CA THR B 131 -4.71 14.41 -41.04
C THR B 131 -3.55 14.33 -40.04
N LEU B 132 -3.82 14.77 -38.81
CA LEU B 132 -2.83 14.75 -37.75
C LEU B 132 -2.63 13.33 -37.20
N GLU B 133 -3.65 12.50 -37.32
CA GLU B 133 -3.57 11.13 -36.85
C GLU B 133 -2.67 10.28 -37.75
N VAL B 134 -2.68 10.56 -39.05
CA VAL B 134 -1.84 9.81 -39.99
C VAL B 134 -0.37 10.14 -39.71
N LYS B 135 -0.09 11.42 -39.55
CA LYS B 135 1.23 11.91 -39.27
C LYS B 135 1.71 11.37 -37.92
N SER B 136 0.80 11.24 -36.96
CA SER B 136 1.16 10.71 -35.65
C SER B 136 1.45 9.20 -35.73
N LEU B 137 0.57 8.46 -36.40
CA LEU B 137 0.78 7.02 -36.55
C LEU B 137 2.08 6.71 -37.32
N ASP B 138 2.45 7.60 -38.24
CA ASP B 138 3.69 7.43 -39.00
C ASP B 138 4.86 7.52 -38.02
N THR B 139 4.71 8.37 -37.02
CA THR B 139 5.73 8.54 -36.00
C THR B 139 5.84 7.25 -35.18
N LEU B 140 4.69 6.71 -34.81
CA LEU B 140 4.62 5.50 -34.03
C LEU B 140 4.75 4.24 -34.88
N SER B 141 5.16 4.39 -36.14
CA SER B 141 5.33 3.26 -37.05
C SER B 141 4.08 2.37 -37.16
N TRP B 142 2.92 2.97 -36.97
CA TRP B 142 1.66 2.27 -37.06
C TRP B 142 1.45 1.16 -36.03
N VAL B 143 2.21 1.23 -34.93
CA VAL B 143 2.11 0.30 -33.81
C VAL B 143 1.62 1.19 -32.69
N ALA B 144 0.33 1.13 -32.39
CA ALA B 144 -0.27 2.00 -31.38
C ALA B 144 -0.55 1.45 -29.98
N ASP B 145 -0.53 0.14 -29.81
CA ASP B 145 -0.81 -0.37 -28.47
C ASP B 145 0.45 -0.50 -27.64
N ARG B 146 0.30 -0.27 -26.34
CA ARG B 146 1.39 -0.34 -25.39
C ARG B 146 1.03 -1.28 -24.27
N CYS B 147 2.02 -1.61 -23.46
CA CYS B 147 1.84 -2.43 -22.28
C CYS B 147 1.81 -1.40 -21.15
N LEU B 148 0.62 -1.13 -20.66
CA LEU B 148 0.41 -0.13 -19.60
C LEU B 148 0.63 -0.66 -18.18
N SER B 149 0.70 0.26 -17.22
CA SER B 149 0.88 -0.10 -15.81
C SER B 149 -0.35 -0.87 -15.33
N THR B 150 -1.50 -0.53 -15.90
CA THR B 150 -2.74 -1.21 -15.56
C THR B 150 -2.61 -2.65 -16.03
N ASP B 151 -2.12 -2.84 -17.26
CA ASP B 151 -1.96 -4.17 -17.82
C ASP B 151 -0.95 -4.98 -17.04
N LEU B 152 0.10 -4.33 -16.57
CA LEU B 152 1.16 -5.01 -15.82
C LEU B 152 0.69 -5.57 -14.48
N ILE B 153 -0.22 -4.87 -13.83
CA ILE B 153 -0.74 -5.30 -12.54
C ILE B 153 -1.13 -6.78 -12.54
N CYS B 154 -1.66 -7.25 -13.65
CA CYS B 154 -2.10 -8.63 -13.75
C CYS B 154 -0.96 -9.61 -14.09
N TYR B 155 0.07 -9.15 -14.79
CA TYR B 155 1.19 -10.02 -15.14
C TYR B 155 2.03 -10.29 -13.91
N ILE B 156 1.92 -9.38 -12.95
CA ILE B 156 2.66 -9.46 -11.71
C ILE B 156 1.94 -10.34 -10.71
N LEU B 157 0.61 -10.30 -10.71
CA LEU B 157 -0.15 -11.15 -9.81
C LEU B 157 0.01 -12.59 -10.26
N HIS B 158 0.15 -12.80 -11.56
CA HIS B 158 0.31 -14.15 -12.10
C HIS B 158 1.65 -14.70 -11.65
N ILE B 159 2.72 -13.94 -11.89
CA ILE B 159 4.07 -14.32 -11.50
C ILE B 159 4.15 -14.67 -10.00
N MET B 160 3.31 -14.01 -9.20
CA MET B 160 3.28 -14.27 -7.76
C MET B 160 2.22 -15.30 -7.42
N HIS B 161 1.83 -16.11 -8.41
CA HIS B 161 0.80 -17.14 -8.26
C HIS B 161 -0.31 -16.76 -7.28
N ALA B 162 -0.93 -15.61 -7.52
CA ALA B 162 -2.01 -15.12 -6.69
C ALA B 162 -3.29 -15.84 -7.06
N PRO B 163 -4.28 -15.86 -6.16
CA PRO B 163 -5.54 -16.53 -6.45
C PRO B 163 -6.41 -15.68 -7.37
N ARG B 164 -7.14 -16.31 -8.29
CA ARG B 164 -8.01 -15.61 -9.24
C ARG B 164 -8.85 -14.52 -8.57
N GLU B 165 -9.47 -14.89 -7.46
CA GLU B 165 -10.35 -13.99 -6.72
C GLU B 165 -9.73 -12.69 -6.24
N ASP B 166 -8.41 -12.65 -6.15
CA ASP B 166 -7.74 -11.43 -5.70
C ASP B 166 -7.68 -10.38 -6.79
N TYR B 167 -7.27 -10.77 -7.99
CA TYR B 167 -7.14 -9.83 -9.10
C TYR B 167 -8.12 -8.67 -9.14
N LEU B 168 -9.42 -8.97 -9.13
CA LEU B 168 -10.41 -7.91 -9.22
C LEU B 168 -10.24 -6.81 -8.21
N ASN B 169 -10.36 -7.14 -6.93
CA ASN B 169 -10.24 -6.12 -5.89
C ASN B 169 -8.97 -5.33 -6.06
N ILE B 170 -7.88 -6.02 -6.38
CA ILE B 170 -6.58 -5.41 -6.56
C ILE B 170 -6.53 -4.49 -7.76
N TYR B 171 -6.98 -4.98 -8.90
CA TYR B 171 -6.99 -4.14 -10.08
C TYR B 171 -7.72 -2.84 -9.78
N ASN B 172 -8.90 -2.96 -9.18
CA ASN B 172 -9.70 -1.79 -8.88
C ASN B 172 -9.12 -0.82 -7.88
N LEU B 173 -8.18 -1.26 -7.06
CA LEU B 173 -7.60 -0.35 -6.11
C LEU B 173 -6.43 0.37 -6.76
N CYS B 174 -5.72 -0.36 -7.61
CA CYS B 174 -4.56 0.19 -8.30
C CYS B 174 -4.90 1.17 -9.41
N ARG B 175 -5.96 0.91 -10.14
CA ARG B 175 -6.36 1.77 -11.25
C ARG B 175 -6.33 3.25 -10.90
N PRO B 176 -7.14 3.67 -9.91
CA PRO B 176 -7.16 5.09 -9.55
C PRO B 176 -5.81 5.71 -9.22
N LYS B 177 -4.93 4.96 -8.58
CA LYS B 177 -3.61 5.47 -8.23
C LYS B 177 -2.75 5.68 -9.48
N ILE B 178 -2.86 4.75 -10.42
CA ILE B 178 -2.10 4.79 -11.66
C ILE B 178 -2.48 5.97 -12.54
N PHE B 179 -3.78 6.26 -12.58
CA PHE B 179 -4.30 7.37 -13.38
C PHE B 179 -3.78 8.68 -12.85
N CYS B 180 -3.70 8.79 -11.52
CA CYS B 180 -3.20 10.00 -10.89
C CYS B 180 -1.72 10.14 -11.16
N ALA B 181 -1.03 9.00 -11.16
CA ALA B 181 0.40 8.98 -11.42
C ALA B 181 0.69 9.48 -12.81
N LEU B 182 -0.19 9.12 -13.74
CA LEU B 182 -0.04 9.51 -15.13
C LEU B 182 -0.17 11.01 -15.34
N CYS B 183 -0.99 11.65 -14.53
CA CYS B 183 -1.19 13.09 -14.65
C CYS B 183 -0.09 13.87 -13.95
N ASP B 184 0.73 13.19 -13.16
CA ASP B 184 1.82 13.87 -12.48
C ASP B 184 3.10 13.53 -13.25
N GLY B 185 3.75 14.55 -13.80
CA GLY B 185 4.97 14.33 -14.56
C GLY B 185 6.09 13.73 -13.75
N ARG B 186 6.17 14.06 -12.46
CA ARG B 186 7.22 13.52 -11.62
C ARG B 186 7.03 12.04 -11.33
N SER B 187 5.86 11.50 -11.63
CA SER B 187 5.61 10.08 -11.41
C SER B 187 5.26 9.36 -12.70
N ALA B 188 4.87 10.11 -13.71
CA ALA B 188 4.51 9.53 -14.98
C ALA B 188 5.72 9.20 -15.86
N MET B 189 6.89 9.75 -15.52
CA MET B 189 8.08 9.48 -16.31
C MET B 189 8.82 8.23 -15.77
N LYS B 190 8.27 7.66 -14.71
CA LYS B 190 8.86 6.46 -14.12
C LYS B 190 8.46 5.25 -14.96
N ARG B 191 9.31 4.22 -14.93
CA ARG B 191 9.05 2.99 -15.67
C ARG B 191 7.67 2.45 -15.29
N PRO B 192 6.98 1.80 -16.23
CA PRO B 192 5.64 1.23 -16.03
C PRO B 192 5.53 0.22 -14.87
N VAL B 193 6.43 -0.75 -14.81
CA VAL B 193 6.37 -1.74 -13.73
C VAL B 193 6.56 -1.12 -12.36
N LEU B 194 7.48 -0.16 -12.28
CA LEU B 194 7.76 0.51 -11.03
C LEU B 194 6.50 1.19 -10.50
N ILE B 195 5.73 1.77 -11.40
CA ILE B 195 4.49 2.44 -11.03
C ILE B 195 3.50 1.38 -10.61
N THR B 196 3.51 0.28 -11.35
CA THR B 196 2.63 -0.85 -11.08
C THR B 196 2.96 -1.44 -9.72
N LEU B 197 4.22 -1.83 -9.53
CA LEU B 197 4.66 -2.39 -8.27
C LEU B 197 4.43 -1.43 -7.11
N ALA B 198 4.61 -0.13 -7.34
CA ALA B 198 4.39 0.87 -6.31
C ALA B 198 2.94 0.86 -5.86
N CYS B 199 2.02 0.92 -6.82
CA CYS B 199 0.60 0.90 -6.51
C CYS B 199 0.23 -0.43 -5.85
N MET B 200 0.80 -1.53 -6.35
CA MET B 200 0.55 -2.84 -5.78
C MET B 200 1.05 -2.89 -4.33
N HIS B 201 2.19 -2.25 -4.06
CA HIS B 201 2.75 -2.21 -2.70
C HIS B 201 1.76 -1.47 -1.79
N LEU B 202 1.33 -0.32 -2.26
CA LEU B 202 0.39 0.52 -1.53
C LEU B 202 -0.89 -0.21 -1.17
N THR B 203 -1.25 -1.18 -1.99
CA THR B 203 -2.49 -1.89 -1.74
C THR B 203 -2.32 -3.32 -1.22
N MET B 204 -1.21 -3.95 -1.53
CA MET B 204 -0.98 -5.33 -1.10
C MET B 204 -0.01 -5.52 0.05
N ASN B 205 0.88 -4.55 0.27
CA ASN B 205 1.86 -4.66 1.33
C ASN B 205 1.25 -4.96 2.69
N GLN B 206 1.73 -6.03 3.31
CA GLN B 206 1.25 -6.44 4.61
C GLN B 206 -0.25 -6.72 4.65
N LYS B 207 -0.79 -7.23 3.55
CA LYS B 207 -2.21 -7.57 3.51
C LYS B 207 -2.44 -8.90 2.83
N TYR B 208 -1.49 -9.27 1.96
CA TYR B 208 -1.53 -10.53 1.23
C TYR B 208 -0.20 -11.22 1.49
N ASP B 209 -0.24 -12.51 1.79
CA ASP B 209 1.00 -13.22 2.08
C ASP B 209 1.86 -13.56 0.86
N TYR B 210 1.25 -13.88 -0.27
CA TYR B 210 2.06 -14.19 -1.44
C TYR B 210 2.82 -12.96 -1.89
N TYR B 211 2.27 -11.78 -1.63
CA TYR B 211 2.94 -10.54 -2.01
C TYR B 211 4.23 -10.39 -1.20
N GLU B 212 4.05 -10.43 0.12
CA GLU B 212 5.11 -10.31 1.09
C GLU B 212 6.22 -11.36 0.97
N ASN B 213 5.90 -12.50 0.38
CA ASN B 213 6.87 -13.58 0.21
C ASN B 213 7.66 -13.52 -1.10
N ARG B 214 7.06 -12.92 -2.12
CA ARG B 214 7.70 -12.85 -3.44
C ARG B 214 8.16 -11.50 -3.97
N ILE B 215 7.75 -10.41 -3.34
CA ILE B 215 8.12 -9.10 -3.85
C ILE B 215 9.60 -8.82 -3.99
N ASP B 216 10.42 -9.40 -3.11
CA ASP B 216 11.85 -9.14 -3.19
C ASP B 216 12.50 -9.72 -4.44
N GLY B 217 12.15 -10.97 -4.76
CA GLY B 217 12.70 -11.61 -5.94
C GLY B 217 12.19 -10.94 -7.21
N VAL B 218 10.91 -10.61 -7.21
CA VAL B 218 10.30 -9.95 -8.34
C VAL B 218 11.13 -8.70 -8.59
N CYS B 219 11.23 -7.83 -7.60
CA CYS B 219 12.00 -6.59 -7.77
C CYS B 219 13.42 -6.85 -8.25
N LYS B 220 14.05 -7.86 -7.67
CA LYS B 220 15.42 -8.23 -8.04
C LYS B 220 15.55 -8.64 -9.50
N SER B 221 14.63 -9.46 -9.99
CA SER B 221 14.66 -9.93 -11.36
C SER B 221 14.40 -8.79 -12.35
N LEU B 222 13.81 -7.71 -11.86
CA LEU B 222 13.50 -6.55 -12.68
C LEU B 222 14.48 -5.41 -12.42
N TYR B 223 15.49 -5.69 -11.62
CA TYR B 223 16.50 -4.70 -11.29
C TYR B 223 15.97 -3.52 -10.48
N ILE B 224 15.02 -3.78 -9.61
CA ILE B 224 14.46 -2.71 -8.79
C ILE B 224 14.87 -2.88 -7.34
N THR B 225 15.44 -1.82 -6.77
CA THR B 225 15.89 -1.85 -5.39
C THR B 225 14.70 -1.53 -4.48
N LYS B 226 14.82 -1.87 -3.20
CA LYS B 226 13.75 -1.60 -2.27
C LYS B 226 13.54 -0.11 -2.19
N GLU B 227 14.65 0.61 -2.25
CA GLU B 227 14.64 2.08 -2.20
C GLU B 227 13.81 2.68 -3.34
N GLU B 228 14.00 2.19 -4.56
CA GLU B 228 13.28 2.70 -5.72
C GLU B 228 11.78 2.53 -5.56
N LEU B 229 11.37 1.34 -5.11
CA LEU B 229 9.97 1.02 -4.90
C LEU B 229 9.34 2.01 -3.92
N HIS B 230 9.99 2.20 -2.77
CA HIS B 230 9.48 3.10 -1.75
C HIS B 230 9.42 4.56 -2.16
N GLN B 231 10.38 4.99 -2.96
CA GLN B 231 10.37 6.37 -3.40
C GLN B 231 9.18 6.52 -4.33
N CYS B 232 9.03 5.57 -5.24
CA CYS B 232 7.93 5.62 -6.19
C CYS B 232 6.61 5.72 -5.44
N CYS B 233 6.47 4.94 -4.37
CA CYS B 233 5.24 4.97 -3.57
C CYS B 233 4.93 6.39 -3.12
N ASP B 234 5.96 7.16 -2.81
CA ASP B 234 5.77 8.54 -2.37
C ASP B 234 5.46 9.46 -3.53
N LEU B 235 5.97 9.12 -4.72
CA LEU B 235 5.68 9.92 -5.89
C LEU B 235 4.21 9.74 -6.22
N VAL B 236 3.73 8.50 -6.12
CA VAL B 236 2.34 8.18 -6.40
C VAL B 236 1.41 8.86 -5.40
N ASP B 237 1.77 8.85 -4.12
CA ASP B 237 0.92 9.51 -3.13
C ASP B 237 0.90 11.02 -3.34
N ILE B 238 1.95 11.56 -3.93
CA ILE B 238 2.00 12.98 -4.22
C ILE B 238 1.06 13.19 -5.41
N ALA B 239 1.17 12.30 -6.38
CA ALA B 239 0.34 12.35 -7.58
C ALA B 239 -1.12 12.31 -7.19
N ILE B 240 -1.47 11.47 -6.21
CA ILE B 240 -2.85 11.36 -5.77
C ILE B 240 -3.36 12.61 -5.06
N VAL B 241 -2.52 13.24 -4.27
CA VAL B 241 -2.93 14.43 -3.53
C VAL B 241 -3.07 15.68 -4.38
N SER B 242 -2.20 15.83 -5.37
CA SER B 242 -2.21 17.02 -6.23
C SER B 242 -3.08 16.91 -7.49
N PHE B 243 -3.77 15.78 -7.66
CA PHE B 243 -4.66 15.57 -8.80
C PHE B 243 -5.93 16.43 -8.69
N ASP B 244 -6.20 17.20 -9.74
CA ASP B 244 -7.37 18.07 -9.80
C ASP B 244 -8.01 17.88 -11.16
N GLU B 245 -9.25 17.41 -11.19
CA GLU B 245 -9.95 17.17 -12.45
C GLU B 245 -10.20 18.43 -13.27
N ASN B 246 -10.25 19.56 -12.58
CA ASN B 246 -10.53 20.82 -13.24
C ASN B 246 -9.29 21.66 -13.56
N TYR B 247 -8.11 21.04 -13.53
CA TYR B 247 -6.90 21.79 -13.83
C TYR B 247 -6.98 22.47 -15.20
N PHE B 248 -7.28 21.69 -16.23
CA PHE B 248 -7.36 22.25 -17.56
C PHE B 248 -8.38 23.39 -17.60
N LYS B 249 -9.27 23.46 -16.61
CA LYS B 249 -10.28 24.52 -16.57
C LYS B 249 -9.75 25.81 -15.95
N ILE B 250 -9.24 25.66 -14.72
CA ILE B 250 -8.67 26.74 -13.90
C ILE B 250 -7.52 27.52 -14.55
N ASN B 251 -6.58 26.81 -15.15
CA ASN B 251 -5.40 27.43 -15.75
C ASN B 251 -5.55 27.79 -17.22
N ALA B 252 -5.90 26.80 -18.04
CA ALA B 252 -6.08 27.03 -19.46
C ALA B 252 -6.81 28.35 -19.68
N MET C 1 -8.89 7.99 5.77
CA MET C 1 -8.31 9.21 5.13
C MET C 1 -9.21 9.89 4.11
N GLU C 2 -10.30 9.21 3.74
CA GLU C 2 -11.25 9.78 2.80
C GLU C 2 -12.21 10.75 3.51
N ASN C 3 -11.66 11.63 4.33
CA ASN C 3 -12.44 12.61 5.07
C ASN C 3 -11.71 13.97 5.07
N PHE C 4 -10.71 14.13 4.19
CA PHE C 4 -9.92 15.38 4.13
C PHE C 4 -9.52 15.77 2.70
N GLN C 5 -8.69 16.81 2.59
CA GLN C 5 -8.15 17.34 1.31
C GLN C 5 -7.30 18.60 1.49
N LYS C 6 -6.21 18.71 0.71
CA LYS C 6 -5.26 19.84 0.69
C LYS C 6 -3.79 19.39 0.56
N VAL C 7 -2.83 20.25 0.94
CA VAL C 7 -1.43 19.85 0.78
C VAL C 7 -0.39 20.32 1.81
N GLU C 8 0.86 20.38 1.35
CA GLU C 8 2.03 20.78 2.14
C GLU C 8 1.89 21.73 3.33
N LYS C 9 2.93 21.77 4.15
CA LYS C 9 2.95 22.63 5.34
C LYS C 9 4.26 22.39 6.12
N GLU C 12 9.23 19.04 6.23
CA GLU C 12 9.33 19.54 7.60
C GLU C 12 8.51 18.67 8.58
N GLY C 13 9.15 17.66 9.18
CA GLY C 13 8.42 16.82 10.11
C GLY C 13 9.23 15.66 10.69
N THR C 14 9.21 15.53 12.01
CA THR C 14 9.95 14.48 12.71
C THR C 14 9.90 13.15 11.92
N TYR C 15 8.73 12.52 11.90
CA TYR C 15 8.53 11.25 11.19
C TYR C 15 8.81 11.36 9.68
N GLY C 16 7.95 12.11 8.97
CA GLY C 16 8.12 12.28 7.53
C GLY C 16 7.58 13.60 7.00
N VAL C 17 6.93 13.54 5.85
CA VAL C 17 6.34 14.72 5.21
C VAL C 17 5.09 15.11 5.97
N VAL C 18 4.73 16.40 5.97
CA VAL C 18 3.57 16.87 6.72
C VAL C 18 2.33 17.27 5.91
N TYR C 19 1.37 17.87 6.61
CA TYR C 19 0.13 18.33 6.00
C TYR C 19 -0.63 19.45 6.74
N LYS C 20 -1.66 19.91 6.03
CA LYS C 20 -2.58 20.96 6.47
C LYS C 20 -3.73 20.62 5.55
N ALA C 21 -4.89 20.29 6.12
CA ALA C 21 -6.03 19.92 5.29
C ALA C 21 -7.36 20.44 5.78
N ARG C 22 -8.38 20.22 4.94
CA ARG C 22 -9.75 20.60 5.23
C ARG C 22 -10.44 19.24 5.18
N ASN C 23 -11.57 19.12 5.86
CA ASN C 23 -12.32 17.86 5.91
C ASN C 23 -13.64 17.94 5.16
N GLY C 27 -14.63 21.11 5.17
CA GLY C 27 -15.27 21.77 6.30
C GLY C 27 -14.28 22.20 7.37
N GLU C 28 -14.07 21.36 8.38
CA GLU C 28 -13.13 21.66 9.47
C GLU C 28 -11.67 21.50 9.01
N VAL C 29 -10.86 22.53 9.23
CA VAL C 29 -9.45 22.47 8.85
C VAL C 29 -8.71 21.69 9.94
N VAL C 30 -7.53 21.18 9.61
CA VAL C 30 -6.75 20.39 10.57
C VAL C 30 -5.37 20.02 10.00
N ALA C 31 -4.44 19.69 10.90
CA ALA C 31 -3.09 19.27 10.50
C ALA C 31 -2.96 17.74 10.55
N LEU C 32 -2.16 17.18 9.64
CA LEU C 32 -1.94 15.74 9.59
C LEU C 32 -0.45 15.45 9.61
N LYS C 33 -0.04 14.55 10.50
CA LYS C 33 1.34 14.14 10.59
C LYS C 33 1.36 12.75 9.93
N LYS C 34 2.16 12.60 8.87
CA LYS C 34 2.23 11.32 8.17
C LYS C 34 3.40 10.50 8.71
N ILE C 35 3.19 9.19 8.87
CA ILE C 35 4.24 8.30 9.40
C ILE C 35 4.35 6.97 8.65
N ARG C 36 5.47 6.72 7.99
CA ARG C 36 5.66 5.48 7.22
C ARG C 36 5.86 4.23 8.08
N LEU C 37 5.11 3.18 7.76
CA LEU C 37 5.17 1.92 8.51
C LEU C 37 5.98 0.83 7.84
N ASP C 38 6.40 1.07 6.59
CA ASP C 38 7.12 0.08 5.82
C ASP C 38 8.60 0.34 5.49
N THR C 39 9.15 1.46 5.93
CA THR C 39 10.54 1.76 5.60
C THR C 39 11.61 1.45 6.67
N GLU C 40 11.21 1.31 7.91
CA GLU C 40 12.16 1.04 8.98
C GLU C 40 12.32 -0.43 9.31
N THR C 41 13.46 -0.79 9.86
CA THR C 41 13.73 -2.19 10.20
C THR C 41 12.67 -2.77 11.15
N GLU C 42 12.38 -2.06 12.24
CA GLU C 42 11.40 -2.53 13.20
C GLU C 42 9.95 -2.05 12.96
N GLY C 43 9.60 -1.75 11.72
CA GLY C 43 8.24 -1.31 11.42
C GLY C 43 7.83 0.03 12.01
N VAL C 44 6.63 0.06 12.58
CA VAL C 44 6.09 1.28 13.18
C VAL C 44 7.07 1.90 14.15
N PRO C 45 7.44 3.16 13.93
CA PRO C 45 8.38 3.80 14.83
C PRO C 45 7.90 3.76 16.28
N SER C 46 8.80 3.43 17.20
CA SER C 46 8.42 3.37 18.59
C SER C 46 8.13 4.79 19.09
N THR C 47 8.64 5.79 18.40
CA THR C 47 8.38 7.15 18.83
C THR C 47 6.92 7.53 18.57
N ALA C 48 6.39 7.07 17.44
CA ALA C 48 4.99 7.35 17.08
C ALA C 48 4.10 6.68 18.11
N ILE C 49 4.37 5.42 18.41
CA ILE C 49 3.56 4.71 19.37
C ILE C 49 3.50 5.45 20.70
N ARG C 50 4.67 5.80 21.21
CA ARG C 50 4.75 6.50 22.48
C ARG C 50 4.14 7.89 22.47
N GLU C 51 3.98 8.50 21.31
CA GLU C 51 3.40 9.83 21.27
C GLU C 51 1.89 9.71 21.27
N ILE C 52 1.38 8.77 20.48
CA ILE C 52 -0.06 8.55 20.41
C ILE C 52 -0.60 8.34 21.82
N SER C 53 -0.01 7.36 22.50
CA SER C 53 -0.42 6.98 23.84
C SER C 53 -0.18 8.05 24.88
N LEU C 54 0.66 9.01 24.53
CA LEU C 54 0.95 10.11 25.42
C LEU C 54 -0.18 11.10 25.24
N LEU C 55 -0.41 11.48 23.99
CA LEU C 55 -1.44 12.44 23.63
C LEU C 55 -2.86 12.05 23.92
N LYS C 56 -3.19 10.78 23.77
CA LYS C 56 -4.56 10.35 24.03
C LYS C 56 -4.93 10.83 25.43
N GLU C 57 -3.98 10.69 26.34
CA GLU C 57 -4.15 11.09 27.73
C GLU C 57 -4.18 12.60 28.01
N LEU C 58 -3.66 13.43 27.11
CA LEU C 58 -3.63 14.87 27.34
C LEU C 58 -4.75 15.63 26.64
N ASN C 59 -5.93 15.65 27.24
CA ASN C 59 -7.07 16.35 26.67
C ASN C 59 -7.37 17.61 27.48
N HIS C 60 -6.80 18.74 27.06
CA HIS C 60 -6.97 20.02 27.73
C HIS C 60 -6.97 21.14 26.67
N PRO C 61 -7.89 22.12 26.78
CA PRO C 61 -7.93 23.20 25.79
C PRO C 61 -6.58 23.88 25.53
N ASN C 62 -5.65 23.81 26.48
CA ASN C 62 -4.35 24.43 26.29
C ASN C 62 -3.28 23.50 25.74
N ILE C 63 -3.70 22.37 25.18
CA ILE C 63 -2.76 21.42 24.59
C ILE C 63 -3.33 20.97 23.25
N VAL C 64 -2.53 21.07 22.19
CA VAL C 64 -3.00 20.68 20.86
C VAL C 64 -3.57 19.27 20.90
N LYS C 65 -4.90 19.20 20.78
CA LYS C 65 -5.59 17.93 20.84
C LYS C 65 -5.45 17.02 19.62
N LEU C 66 -4.97 15.80 19.87
CA LEU C 66 -4.83 14.80 18.82
C LEU C 66 -6.27 14.40 18.63
N LEU C 67 -6.78 14.51 17.42
CA LEU C 67 -8.17 14.15 17.16
C LEU C 67 -8.37 12.69 16.78
N ASP C 68 -7.44 12.12 16.03
CA ASP C 68 -7.63 10.75 15.59
C ASP C 68 -6.37 10.16 14.99
N VAL C 69 -6.32 8.84 14.89
CA VAL C 69 -5.18 8.14 14.32
C VAL C 69 -5.73 7.15 13.30
N ILE C 70 -5.39 7.36 12.04
CA ILE C 70 -5.89 6.51 10.97
C ILE C 70 -4.75 5.73 10.34
N HIS C 71 -4.99 4.45 10.07
CA HIS C 71 -3.99 3.61 9.47
C HIS C 71 -4.42 3.23 8.06
N THR C 72 -3.71 3.74 7.07
CA THR C 72 -4.06 3.38 5.70
C THR C 72 -2.85 2.97 4.85
N GLU C 73 -2.96 1.80 4.25
CA GLU C 73 -1.95 1.25 3.36
C GLU C 73 -0.61 0.90 4.00
N ASN C 74 0.29 1.88 4.07
CA ASN C 74 1.61 1.65 4.66
C ASN C 74 1.99 2.91 5.43
N LYS C 75 0.96 3.68 5.75
CA LYS C 75 1.08 4.93 6.48
C LYS C 75 0.17 4.98 7.70
N LEU C 76 0.46 5.92 8.59
CA LEU C 76 -0.29 6.10 9.81
C LEU C 76 -0.41 7.60 10.00
N TYR C 77 -1.61 8.14 9.81
CA TYR C 77 -1.78 9.58 9.95
C TYR C 77 -2.18 10.04 11.32
N LEU C 78 -1.48 11.04 11.83
CA LEU C 78 -1.79 11.60 13.14
C LEU C 78 -2.58 12.90 12.85
N VAL C 79 -3.83 12.96 13.29
CA VAL C 79 -4.68 14.15 13.04
C VAL C 79 -4.73 15.14 14.21
N PHE C 80 -4.17 16.34 14.04
CA PHE C 80 -4.15 17.36 15.10
C PHE C 80 -4.97 18.59 14.78
N GLU C 81 -5.66 19.13 15.77
CA GLU C 81 -6.44 20.36 15.54
C GLU C 81 -5.43 21.35 14.95
N PHE C 82 -5.80 22.01 13.85
CA PHE C 82 -4.87 22.94 13.20
C PHE C 82 -4.78 24.33 13.83
N LEU C 83 -3.54 24.81 14.01
CA LEU C 83 -3.33 26.15 14.55
C LEU C 83 -2.57 26.96 13.53
N HIS C 84 -2.98 28.21 13.35
CA HIS C 84 -2.40 29.11 12.36
C HIS C 84 -0.89 29.23 12.31
N GLN C 85 -0.27 29.42 13.47
CA GLN C 85 1.18 29.56 13.52
C GLN C 85 1.67 29.56 14.97
N ASP C 86 2.98 29.47 15.15
CA ASP C 86 3.54 29.48 16.51
C ASP C 86 3.81 30.86 17.07
N LEU C 87 4.25 30.89 18.32
CA LEU C 87 4.56 32.12 19.03
C LEU C 87 5.87 32.75 18.59
N LYS C 88 6.53 32.15 17.60
CA LYS C 88 7.80 32.71 17.14
C LYS C 88 7.55 33.78 16.08
N LYS C 89 6.57 33.53 15.22
CA LYS C 89 6.20 34.50 14.20
C LYS C 89 5.69 35.75 14.92
N PHE C 90 4.55 35.60 15.59
CA PHE C 90 3.92 36.68 16.32
C PHE C 90 4.94 37.56 17.04
N MET C 91 6.01 36.96 17.53
CA MET C 91 7.06 37.70 18.24
C MET C 91 8.02 38.33 17.24
N ASP C 92 8.51 37.52 16.31
CA ASP C 92 9.43 38.04 15.32
C ASP C 92 8.77 39.27 14.70
N ALA C 93 7.73 39.02 13.90
CA ALA C 93 7.00 40.07 13.20
C ALA C 93 6.06 40.90 14.10
N SER C 94 6.61 41.49 15.16
CA SER C 94 5.81 42.31 16.09
C SER C 94 6.67 42.79 17.25
N ALA C 95 7.97 42.50 17.18
CA ALA C 95 8.89 42.92 18.24
C ALA C 95 8.74 44.39 18.55
N LEU C 96 8.83 45.22 17.50
CA LEU C 96 8.75 46.69 17.60
C LEU C 96 7.70 47.11 18.64
N THR C 97 6.44 46.92 18.28
CA THR C 97 5.35 47.27 19.18
C THR C 97 5.46 46.35 20.41
N GLY C 98 6.17 45.24 20.24
CA GLY C 98 6.38 44.29 21.33
C GLY C 98 5.19 43.37 21.57
N ILE C 99 4.65 43.44 22.79
CA ILE C 99 3.50 42.61 23.12
C ILE C 99 2.67 43.23 24.23
N PRO C 100 1.45 43.68 23.89
CA PRO C 100 0.62 44.27 24.95
C PRO C 100 0.73 43.34 26.17
N LEU C 101 1.10 43.90 27.31
CA LEU C 101 1.27 43.06 28.49
C LEU C 101 0.06 42.15 28.70
N PRO C 102 -1.14 42.71 28.88
CA PRO C 102 -2.32 41.87 29.10
C PRO C 102 -2.39 40.62 28.20
N LEU C 103 -1.65 40.63 27.09
CA LEU C 103 -1.61 39.45 26.23
C LEU C 103 -0.58 38.53 26.94
N ILE C 104 0.66 39.00 27.03
CA ILE C 104 1.72 38.25 27.71
C ILE C 104 1.18 37.53 28.97
N LYS C 105 0.35 38.22 29.76
CA LYS C 105 -0.20 37.61 30.97
C LYS C 105 -1.05 36.42 30.57
N SER C 106 -2.06 36.69 29.77
CA SER C 106 -2.97 35.66 29.29
C SER C 106 -2.12 34.47 28.79
N TYR C 107 -1.49 34.66 27.63
CA TYR C 107 -0.64 33.65 27.01
C TYR C 107 0.17 32.85 28.04
N LEU C 108 0.64 33.52 29.08
CA LEU C 108 1.43 32.89 30.13
C LEU C 108 0.52 32.07 31.04
N PHE C 109 -0.61 32.67 31.41
CA PHE C 109 -1.57 32.01 32.27
C PHE C 109 -2.04 30.73 31.60
N GLN C 110 -2.24 30.77 30.29
CA GLN C 110 -2.72 29.60 29.55
C GLN C 110 -1.71 28.47 29.53
N LEU C 111 -0.46 28.80 29.21
CA LEU C 111 0.59 27.80 29.17
C LEU C 111 0.74 27.15 30.55
N LEU C 112 0.78 27.98 31.59
CA LEU C 112 0.90 27.45 32.93
C LEU C 112 -0.27 26.54 33.25
N GLN C 113 -1.25 26.49 32.34
CA GLN C 113 -2.43 25.66 32.54
C GLN C 113 -2.27 24.32 31.84
N GLY C 114 -1.80 24.36 30.61
CA GLY C 114 -1.57 23.13 29.89
C GLY C 114 -0.44 22.45 30.60
N LEU C 115 0.53 23.24 31.03
CA LEU C 115 1.67 22.68 31.74
C LEU C 115 1.25 22.03 33.05
N ALA C 116 0.32 22.66 33.76
CA ALA C 116 -0.14 22.13 35.03
C ALA C 116 -0.88 20.83 34.81
N PHE C 117 -1.65 20.78 33.72
CA PHE C 117 -2.40 19.58 33.38
C PHE C 117 -1.42 18.45 33.07
N CYS C 118 -0.37 18.77 32.31
CA CYS C 118 0.66 17.81 31.91
C CYS C 118 1.35 17.14 33.08
N HIS C 119 1.94 17.96 33.94
CA HIS C 119 2.66 17.47 35.10
C HIS C 119 1.74 16.63 35.95
N SER C 120 0.44 16.89 35.85
CA SER C 120 -0.55 16.16 36.62
C SER C 120 -0.81 14.81 35.98
N HIS C 121 -0.13 14.55 34.87
CA HIS C 121 -0.26 13.29 34.14
C HIS C 121 1.12 12.68 33.95
N ARG C 122 2.04 13.01 34.83
CA ARG C 122 3.40 12.50 34.78
C ARG C 122 3.97 12.62 33.37
N VAL C 123 3.96 13.84 32.84
CA VAL C 123 4.50 14.13 31.50
C VAL C 123 5.32 15.41 31.53
N LEU C 124 6.58 15.32 31.12
CA LEU C 124 7.45 16.48 31.09
C LEU C 124 7.63 16.78 29.61
N HIS C 125 7.47 18.03 29.19
CA HIS C 125 7.64 18.34 27.78
C HIS C 125 9.12 18.28 27.39
N ARG C 126 9.95 18.98 28.16
CA ARG C 126 11.41 18.98 27.96
C ARG C 126 11.95 19.72 26.74
N ASP C 127 11.09 20.41 26.00
CA ASP C 127 11.59 21.12 24.85
C ASP C 127 10.73 22.37 24.59
N LEU C 128 10.30 23.01 25.66
CA LEU C 128 9.47 24.19 25.53
C LEU C 128 10.29 25.31 24.93
N LYS C 129 9.77 25.88 23.84
CA LYS C 129 10.42 26.98 23.15
C LYS C 129 9.36 27.62 22.26
N PRO C 130 9.54 28.90 21.87
CA PRO C 130 8.52 29.50 21.01
C PRO C 130 8.22 28.68 19.75
N GLN C 131 9.24 28.07 19.15
CA GLN C 131 9.01 27.27 17.95
C GLN C 131 7.89 26.23 18.11
N ASN C 132 7.61 25.79 19.34
CA ASN C 132 6.54 24.82 19.50
C ASN C 132 5.43 25.19 20.49
N LEU C 133 5.03 26.47 20.44
CA LEU C 133 3.95 27.01 21.25
C LEU C 133 3.02 27.75 20.27
N LEU C 134 2.03 27.03 19.74
CA LEU C 134 1.09 27.58 18.74
C LEU C 134 -0.04 28.50 19.25
N ILE C 135 -0.51 29.39 18.37
CA ILE C 135 -1.59 30.30 18.73
C ILE C 135 -2.58 30.47 17.59
N ASN C 136 -3.82 30.81 17.92
CA ASN C 136 -4.81 31.01 16.87
C ASN C 136 -5.50 32.39 17.02
N THR C 137 -6.47 32.64 16.14
CA THR C 137 -7.22 33.91 16.08
C THR C 137 -8.16 34.25 17.25
N GLU C 138 -8.28 33.38 18.24
CA GLU C 138 -9.17 33.67 19.36
C GLU C 138 -8.43 34.20 20.59
N GLY C 139 -7.13 33.91 20.66
CA GLY C 139 -6.36 34.37 21.80
C GLY C 139 -5.90 33.19 22.64
N ALA C 140 -6.18 31.98 22.14
CA ALA C 140 -5.80 30.75 22.83
C ALA C 140 -4.44 30.26 22.34
N ILE C 141 -3.50 30.05 23.27
CA ILE C 141 -2.18 29.54 22.91
C ILE C 141 -2.01 28.13 23.50
N LYS C 142 -1.79 27.15 22.64
CA LYS C 142 -1.64 25.78 23.12
C LYS C 142 -0.23 25.18 23.10
N LEU C 143 -0.05 24.10 23.87
CA LEU C 143 1.21 23.38 23.98
C LEU C 143 1.29 22.34 22.88
N ALA C 144 2.41 22.29 22.16
CA ALA C 144 2.54 21.33 21.07
C ALA C 144 3.93 20.69 20.91
N ASP C 145 3.96 19.61 20.14
CA ASP C 145 5.19 18.86 19.83
C ASP C 145 5.88 18.19 21.01
N PHE C 146 5.29 17.11 21.51
CA PHE C 146 5.86 16.37 22.64
C PHE C 146 6.84 15.32 22.16
N GLY C 147 7.55 15.63 21.07
CA GLY C 147 8.52 14.70 20.49
C GLY C 147 9.73 14.31 21.33
N LEU C 148 10.14 15.18 22.27
CA LEU C 148 11.28 14.90 23.16
C LEU C 148 10.83 14.79 24.61
N ALA C 149 9.56 14.49 24.83
CA ALA C 149 9.01 14.42 26.17
C ALA C 149 9.21 13.09 26.87
N ARG C 150 9.04 13.11 28.18
CA ARG C 150 9.15 11.93 29.00
C ARG C 150 7.76 11.77 29.59
N ALA C 151 7.18 10.58 29.41
CA ALA C 151 5.84 10.33 29.92
C ALA C 151 5.89 9.07 30.78
N PHE C 152 5.29 9.16 31.97
CA PHE C 152 5.25 8.07 32.91
C PHE C 152 6.66 7.52 33.16
N GLY C 153 7.67 8.36 32.96
CA GLY C 153 9.03 7.93 33.16
C GLY C 153 9.76 7.43 31.94
N VAL C 154 9.04 7.31 30.82
CA VAL C 154 9.67 6.82 29.60
C VAL C 154 9.81 7.93 28.57
N PRO C 155 11.03 8.14 28.02
CA PRO C 155 11.23 9.19 27.03
C PRO C 155 10.66 8.78 25.69
N VAL C 156 10.08 9.72 24.96
CA VAL C 156 9.56 9.38 23.64
C VAL C 156 10.79 9.24 22.76
N ARG C 157 11.81 10.03 23.10
CA ARG C 157 13.12 10.08 22.43
C ARG C 157 14.09 10.66 23.45
N THR C 158 15.36 10.29 23.39
CA THR C 158 16.30 10.87 24.32
C THR C 158 16.98 12.07 23.69
N TYR C 159 17.64 12.87 24.53
CA TYR C 159 18.36 14.06 24.08
C TYR C 159 19.55 13.76 23.15
N THR C 160 20.36 12.77 23.56
CA THR C 160 21.57 12.35 22.84
C THR C 160 21.59 12.57 21.32
N HIS C 161 20.49 12.26 20.64
CA HIS C 161 20.43 12.41 19.17
C HIS C 161 19.49 13.51 18.68
N GLU C 162 19.44 14.66 19.36
CA GLU C 162 18.49 15.67 18.93
C GLU C 162 19.01 17.10 18.93
N VAL C 163 19.49 17.57 17.77
CA VAL C 163 20.02 18.92 17.59
C VAL C 163 19.44 19.91 18.61
N VAL C 164 20.02 19.89 19.80
CA VAL C 164 19.60 20.71 20.93
C VAL C 164 19.51 22.22 20.64
N THR C 165 18.53 22.85 21.27
CA THR C 165 18.31 24.28 21.16
C THR C 165 18.36 24.73 22.61
N LEU C 166 19.59 24.83 23.10
CA LEU C 166 19.91 25.17 24.47
C LEU C 166 19.42 26.44 25.15
N TRP C 167 18.82 27.37 24.42
CA TRP C 167 18.43 28.62 25.10
C TRP C 167 17.42 28.49 26.23
N TYR C 168 16.74 27.36 26.30
CA TYR C 168 15.70 27.17 27.33
C TYR C 168 15.90 26.00 28.29
N ARG C 169 17.05 25.37 28.20
CA ARG C 169 17.38 24.22 29.02
C ARG C 169 17.61 24.64 30.46
N ALA C 170 16.95 23.94 31.37
CA ALA C 170 17.11 24.24 32.79
C ALA C 170 18.55 23.98 33.18
N PRO C 171 19.10 24.84 34.06
CA PRO C 171 20.48 24.69 34.52
C PRO C 171 20.80 23.30 35.05
N GLU C 172 19.87 22.68 35.76
CA GLU C 172 20.13 21.34 36.28
C GLU C 172 20.41 20.36 35.14
N ILE C 173 19.61 20.45 34.07
CA ILE C 173 19.84 19.57 32.94
C ILE C 173 21.24 19.82 32.41
N LEU C 174 21.64 21.09 32.36
CA LEU C 174 22.96 21.45 31.86
C LEU C 174 24.07 21.04 32.82
N LEU C 175 23.71 20.79 34.07
CA LEU C 175 24.68 20.36 35.07
C LEU C 175 24.64 18.83 35.18
N GLY C 176 23.96 18.19 34.23
CA GLY C 176 23.86 16.75 34.21
C GLY C 176 23.28 16.16 35.47
N CYS C 177 22.23 16.80 36.00
CA CYS C 177 21.60 16.29 37.20
C CYS C 177 20.80 15.06 36.82
N LYS C 178 20.86 14.03 37.64
CA LYS C 178 20.19 12.80 37.30
C LYS C 178 18.73 12.69 37.72
N TYR C 179 18.22 13.68 38.47
CA TYR C 179 16.83 13.63 38.89
C TYR C 179 16.03 14.87 38.57
N TYR C 180 16.27 15.46 37.41
CA TYR C 180 15.54 16.65 37.01
C TYR C 180 14.12 16.20 36.70
N SER C 181 13.12 17.00 37.12
CA SER C 181 11.75 16.61 36.88
C SER C 181 10.91 17.70 36.22
N THR C 182 9.67 17.85 36.68
CA THR C 182 8.76 18.85 36.15
C THR C 182 9.34 20.25 36.20
N ALA C 183 10.14 20.52 37.23
CA ALA C 183 10.74 21.83 37.37
C ALA C 183 11.40 22.36 36.09
N VAL C 184 11.83 21.47 35.19
CA VAL C 184 12.49 21.93 33.96
C VAL C 184 11.56 22.60 32.95
N ASP C 185 10.28 22.24 32.95
CA ASP C 185 9.36 22.87 32.01
C ASP C 185 9.04 24.28 32.52
N ILE C 186 9.04 24.45 33.84
CA ILE C 186 8.77 25.76 34.44
C ILE C 186 9.91 26.70 34.05
N TRP C 187 11.15 26.29 34.31
CA TRP C 187 12.29 27.12 33.95
C TRP C 187 12.17 27.57 32.52
N SER C 188 11.81 26.65 31.64
CA SER C 188 11.65 26.97 30.23
C SER C 188 10.68 28.14 30.10
N LEU C 189 9.52 28.04 30.75
CA LEU C 189 8.56 29.13 30.66
C LEU C 189 9.19 30.42 31.19
N GLY C 190 9.94 30.34 32.28
CA GLY C 190 10.56 31.53 32.81
C GLY C 190 11.18 32.32 31.67
N CYS C 191 11.95 31.59 30.84
CA CYS C 191 12.61 32.18 29.69
C CYS C 191 11.56 32.66 28.69
N ILE C 192 10.73 31.74 28.20
CA ILE C 192 9.70 32.10 27.23
C ILE C 192 8.86 33.28 27.69
N PHE C 193 8.89 33.54 28.99
CA PHE C 193 8.18 34.69 29.54
C PHE C 193 9.12 35.82 29.18
N ALA C 194 10.11 36.05 30.04
CA ALA C 194 11.09 37.11 29.81
C ALA C 194 11.27 37.48 28.34
N GLU C 195 11.43 36.48 27.48
CA GLU C 195 11.64 36.74 26.06
C GLU C 195 10.61 37.69 25.47
N MET C 196 9.35 37.45 25.76
CA MET C 196 8.27 38.31 25.25
C MET C 196 8.46 39.70 25.86
N VAL C 197 8.45 39.75 27.19
CA VAL C 197 8.58 40.98 27.96
C VAL C 197 9.76 41.91 27.65
N THR C 198 10.78 41.39 26.96
CA THR C 198 11.95 42.22 26.60
C THR C 198 12.20 42.18 25.10
N ARG C 199 11.30 41.54 24.38
CA ARG C 199 11.40 41.44 22.93
C ARG C 199 12.49 40.49 22.40
N ARG C 200 13.57 40.28 23.16
CA ARG C 200 14.64 39.37 22.71
C ARG C 200 15.09 38.25 23.67
N ALA C 201 15.59 37.16 23.09
CA ALA C 201 16.06 35.98 23.84
C ALA C 201 16.68 36.32 25.19
N LEU C 202 16.74 35.33 26.08
CA LEU C 202 17.30 35.58 27.39
C LEU C 202 18.66 34.92 27.65
N PHE C 203 18.94 33.81 26.94
CA PHE C 203 20.21 33.07 27.13
C PHE C 203 20.68 32.36 25.86
N PRO C 204 21.17 33.11 24.86
CA PRO C 204 21.69 32.67 23.55
C PRO C 204 22.98 31.84 23.61
N GLY C 205 22.96 30.75 24.37
CA GLY C 205 24.17 29.95 24.49
C GLY C 205 24.49 29.11 23.28
N ASP C 206 25.64 29.33 22.63
CA ASP C 206 25.98 28.52 21.47
C ASP C 206 26.22 27.06 21.91
N SER C 207 27.38 26.78 22.52
CA SER C 207 27.65 25.41 22.97
C SER C 207 27.06 25.25 24.38
N GLU C 208 27.12 24.05 24.92
CA GLU C 208 26.57 23.81 26.26
C GLU C 208 27.30 24.62 27.31
N ILE C 209 28.61 24.75 27.14
CA ILE C 209 29.45 25.51 28.08
C ILE C 209 28.96 26.95 28.15
N ASP C 210 28.87 27.61 27.00
CA ASP C 210 28.43 29.00 26.95
C ASP C 210 27.13 29.19 27.73
N GLN C 211 26.14 28.38 27.34
CA GLN C 211 24.80 28.41 27.95
C GLN C 211 24.85 28.46 29.48
N LEU C 212 25.63 27.55 30.07
CA LEU C 212 25.76 27.50 31.53
C LEU C 212 26.33 28.80 32.07
N PHE C 213 27.15 29.47 31.26
CA PHE C 213 27.74 30.73 31.69
C PHE C 213 26.80 31.93 31.50
N ARG C 214 26.07 31.99 30.40
CA ARG C 214 25.14 33.11 30.22
C ARG C 214 24.27 33.09 31.48
N ILE C 215 23.85 31.90 31.90
CA ILE C 215 23.04 31.80 33.09
C ILE C 215 23.82 32.26 34.32
N PHE C 216 24.97 31.64 34.62
CA PHE C 216 25.75 32.06 35.80
C PHE C 216 25.91 33.57 35.75
N ARG C 217 26.16 34.08 34.56
CA ARG C 217 26.34 35.50 34.36
C ARG C 217 25.16 36.28 34.93
N THR C 218 24.04 36.32 34.20
CA THR C 218 22.86 37.07 34.66
C THR C 218 22.40 36.87 36.10
N LEU C 219 22.37 35.63 36.58
CA LEU C 219 21.91 35.38 37.94
C LEU C 219 23.01 35.18 38.99
N GLY C 220 24.18 34.71 38.56
CA GLY C 220 25.26 34.50 39.51
C GLY C 220 25.51 33.01 39.72
N THR C 221 26.77 32.67 39.94
CA THR C 221 27.17 31.28 40.15
C THR C 221 26.67 30.75 41.47
N PRO C 222 25.57 29.97 41.43
CA PRO C 222 24.94 29.38 42.61
C PRO C 222 25.92 28.63 43.48
N ASP C 223 25.58 28.45 44.76
CA ASP C 223 26.41 27.74 45.72
C ASP C 223 25.53 26.79 46.53
N GLU C 224 26.10 26.21 47.59
CA GLU C 224 25.32 25.29 48.41
C GLU C 224 24.29 26.03 49.26
N VAL C 225 24.43 27.34 49.30
CA VAL C 225 23.48 28.17 50.05
C VAL C 225 22.21 28.35 49.23
N VAL C 226 22.35 28.87 48.01
CA VAL C 226 21.21 29.07 47.12
C VAL C 226 20.66 27.74 46.60
N TRP C 227 21.53 26.92 46.04
CA TRP C 227 21.12 25.64 45.51
C TRP C 227 21.83 24.51 46.25
N PRO C 228 21.30 24.13 47.43
CA PRO C 228 21.93 23.05 48.21
C PRO C 228 22.04 21.81 47.34
N GLY C 229 23.25 21.49 46.92
CA GLY C 229 23.46 20.32 46.10
C GLY C 229 24.19 20.55 44.80
N VAL C 230 24.50 21.80 44.46
CA VAL C 230 25.18 22.11 43.21
C VAL C 230 26.55 21.48 42.97
N THR C 231 27.45 21.54 43.94
CA THR C 231 28.79 20.98 43.74
C THR C 231 28.87 19.45 43.71
N SER C 232 27.72 18.77 43.80
CA SER C 232 27.71 17.30 43.75
C SER C 232 27.02 16.89 42.45
N MET C 233 26.72 17.89 41.61
CA MET C 233 26.07 17.68 40.33
C MET C 233 27.16 17.16 39.39
N PRO C 234 26.89 16.08 38.66
CA PRO C 234 27.83 15.47 37.73
C PRO C 234 28.71 16.38 36.87
N ASP C 235 28.19 17.49 36.40
CA ASP C 235 29.04 18.35 35.56
C ASP C 235 29.42 19.71 36.13
N TYR C 236 29.34 19.84 37.45
CA TYR C 236 29.71 21.06 38.15
C TYR C 236 31.23 21.09 38.12
N LYS C 237 31.81 22.28 37.99
CA LYS C 237 33.26 22.41 37.93
C LYS C 237 33.74 23.46 38.94
N PRO C 238 34.49 23.02 39.98
CA PRO C 238 34.98 23.96 40.98
C PRO C 238 35.64 25.18 40.37
N SER C 239 36.14 25.03 39.14
CA SER C 239 36.80 26.15 38.45
C SER C 239 35.78 26.99 37.70
N PHE C 240 34.50 26.75 37.97
CA PHE C 240 33.43 27.50 37.33
C PHE C 240 33.54 28.99 37.64
N PRO C 241 33.66 29.85 36.60
CA PRO C 241 33.76 31.29 36.88
C PRO C 241 32.68 31.67 37.89
N LYS C 242 33.06 32.39 38.94
CA LYS C 242 32.06 32.77 39.93
C LYS C 242 31.60 34.21 39.69
N TRP C 243 30.41 34.37 39.13
CA TRP C 243 29.86 35.71 38.88
C TRP C 243 28.93 36.07 40.04
N ALA C 244 27.94 36.95 39.79
CA ALA C 244 26.99 37.37 40.83
C ALA C 244 25.70 37.99 40.27
N ARG C 245 24.60 37.86 41.02
CA ARG C 245 23.27 38.37 40.66
C ARG C 245 23.23 39.80 40.13
N GLN C 246 22.10 40.16 39.50
CA GLN C 246 21.93 41.50 38.94
C GLN C 246 20.65 42.22 39.40
N ASP C 247 19.89 42.74 38.45
CA ASP C 247 18.66 43.46 38.82
C ASP C 247 17.74 43.71 37.62
N PHE C 248 16.53 44.20 37.91
CA PHE C 248 15.50 44.49 36.92
C PHE C 248 15.61 43.65 35.65
N PRO C 253 13.31 45.48 31.02
CA PRO C 253 12.53 44.60 31.90
C PRO C 253 11.25 45.22 32.47
N PRO C 254 10.51 45.95 31.62
CA PRO C 254 9.25 46.59 32.06
C PRO C 254 8.31 45.56 32.68
N LEU C 255 8.40 45.40 33.99
CA LEU C 255 7.54 44.41 34.65
C LEU C 255 7.23 44.87 36.05
N ASP C 256 5.94 44.97 36.35
CA ASP C 256 5.50 45.37 37.69
C ASP C 256 6.09 44.34 38.64
N GLU C 257 6.20 44.67 39.91
CA GLU C 257 6.75 43.72 40.88
C GLU C 257 5.98 42.40 40.94
N ASP C 258 4.90 42.30 40.14
CA ASP C 258 4.07 41.11 40.08
C ASP C 258 4.80 40.06 39.26
N GLY C 259 5.29 40.48 38.10
CA GLY C 259 5.97 39.57 37.20
C GLY C 259 7.45 39.33 37.47
N ARG C 260 8.17 40.37 37.87
CA ARG C 260 9.58 40.22 38.15
C ARG C 260 9.69 39.28 39.35
N SER C 261 8.73 39.36 40.25
CA SER C 261 8.76 38.46 41.39
C SER C 261 8.57 37.08 40.79
N LEU C 262 7.47 36.90 40.07
CA LEU C 262 7.15 35.62 39.43
C LEU C 262 8.33 35.05 38.68
N LEU C 263 8.74 35.73 37.61
CA LEU C 263 9.86 35.28 36.79
C LEU C 263 11.00 34.77 37.67
N SER C 264 11.30 35.51 38.73
CA SER C 264 12.37 35.16 39.66
C SER C 264 12.05 33.92 40.48
N GLN C 265 10.78 33.51 40.49
CA GLN C 265 10.40 32.30 41.19
C GLN C 265 10.34 31.19 40.15
N MET C 266 10.36 31.59 38.89
CA MET C 266 10.36 30.63 37.77
C MET C 266 11.78 30.36 37.29
N LEU C 267 12.70 31.25 37.64
CA LEU C 267 14.09 31.08 37.24
C LEU C 267 14.95 30.83 38.46
N HIS C 268 14.31 30.32 39.50
CA HIS C 268 14.96 29.98 40.74
C HIS C 268 15.92 28.82 40.39
N TYR C 269 17.06 28.73 41.07
CA TYR C 269 18.01 27.66 40.76
C TYR C 269 17.65 26.29 41.33
N ASP C 270 17.48 26.19 42.64
CA ASP C 270 17.13 24.89 43.21
C ASP C 270 15.74 24.44 42.73
N PRO C 271 15.68 23.30 42.00
CA PRO C 271 14.43 22.76 41.48
C PRO C 271 13.33 22.45 42.50
N ASN C 272 13.63 22.52 43.81
CA ASN C 272 12.61 22.28 44.83
C ASN C 272 12.04 23.62 45.30
N LYS C 273 12.77 24.70 45.04
CA LYS C 273 12.31 26.03 45.43
C LYS C 273 11.46 26.62 44.30
N ARG C 274 11.87 26.31 43.08
CA ARG C 274 11.21 26.80 41.89
C ARG C 274 9.72 26.62 42.03
N ILE C 275 8.98 27.51 41.38
CA ILE C 275 7.52 27.49 41.46
C ILE C 275 6.92 26.50 40.47
N SER C 276 5.91 25.78 40.91
CA SER C 276 5.25 24.81 40.05
C SER C 276 4.24 25.58 39.20
N ALA C 277 3.91 25.04 38.03
CA ALA C 277 2.97 25.67 37.12
C ALA C 277 1.63 25.89 37.78
N LYS C 278 1.37 25.16 38.84
CA LYS C 278 0.09 25.31 39.51
C LYS C 278 0.10 26.45 40.50
N ALA C 279 1.15 26.49 41.33
CA ALA C 279 1.29 27.56 42.31
C ALA C 279 1.38 28.89 41.58
N ALA C 280 2.08 28.87 40.45
CA ALA C 280 2.26 30.05 39.63
C ALA C 280 0.91 30.67 39.27
N LEU C 281 0.00 29.83 38.78
CA LEU C 281 -1.34 30.25 38.37
C LEU C 281 -2.04 31.13 39.40
N ALA C 282 -1.59 31.07 40.65
CA ALA C 282 -2.20 31.85 41.72
C ALA C 282 -1.36 33.06 42.12
N HIS C 283 -0.38 33.41 41.29
CA HIS C 283 0.45 34.57 41.62
C HIS C 283 -0.30 35.85 41.22
N PRO C 284 -0.27 36.86 42.11
CA PRO C 284 -0.91 38.16 41.91
C PRO C 284 -0.79 38.71 40.48
N PHE C 285 0.33 38.42 39.82
CA PHE C 285 0.55 38.88 38.46
C PHE C 285 -0.55 38.36 37.53
N PHE C 286 -1.55 37.71 38.11
CA PHE C 286 -2.64 37.18 37.34
C PHE C 286 -3.98 37.64 37.89
N GLN C 287 -3.94 38.31 39.05
CA GLN C 287 -5.17 38.80 39.69
C GLN C 287 -6.13 39.48 38.71
N ASP C 288 -5.62 39.90 37.55
CA ASP C 288 -6.39 40.58 36.50
C ASP C 288 -6.15 40.01 35.08
N VAL C 289 -6.53 38.76 34.86
CA VAL C 289 -6.29 38.17 33.55
C VAL C 289 -7.52 38.20 32.66
N THR C 290 -7.27 38.36 31.36
CA THR C 290 -8.33 38.42 30.36
C THR C 290 -8.38 37.20 29.44
N LYS C 291 -8.58 37.48 28.15
CA LYS C 291 -8.66 36.47 27.08
C LYS C 291 -8.56 37.22 25.74
N PRO C 292 -7.48 38.02 25.57
CA PRO C 292 -7.14 38.85 24.41
C PRO C 292 -6.81 38.10 23.13
N VAL C 293 -7.44 38.51 22.03
CA VAL C 293 -7.23 37.89 20.72
C VAL C 293 -6.34 38.77 19.83
N PRO C 294 -5.24 38.21 19.28
CA PRO C 294 -4.32 38.96 18.44
C PRO C 294 -4.58 38.74 16.95
N HIS C 295 -4.04 39.63 16.11
CA HIS C 295 -4.20 39.52 14.66
C HIS C 295 -2.84 39.38 13.95
N LEU C 296 -2.90 38.81 12.73
CA LEU C 296 -1.71 38.60 11.88
C LEU C 296 -2.06 37.64 10.73
N ARG C 297 -1.03 37.10 10.07
CA ARG C 297 -1.28 36.15 8.97
C ARG C 297 -0.03 35.72 8.19
N GLU D 5 10.96 3.35 35.65
CA GLU D 5 10.12 3.09 36.87
C GLU D 5 10.45 4.02 38.05
N PHE D 6 11.74 4.33 38.23
CA PHE D 6 12.20 5.22 39.30
C PHE D 6 12.14 6.65 38.84
N GLN D 7 12.51 6.90 37.58
CA GLN D 7 12.43 8.25 37.03
C GLN D 7 10.93 8.51 36.96
N GLY D 8 10.18 7.45 36.65
CA GLY D 8 8.75 7.53 36.53
C GLY D 8 8.09 8.12 37.77
N PHE D 9 8.11 7.37 38.87
CA PHE D 9 7.48 7.81 40.09
C PHE D 9 7.82 9.24 40.52
N LEU D 10 9.02 9.72 40.22
CA LEU D 10 9.43 11.08 40.61
C LEU D 10 8.80 12.15 39.70
N ASP D 11 8.33 11.71 38.54
CA ASP D 11 7.68 12.61 37.61
C ASP D 11 6.26 12.84 38.06
N SER D 12 5.97 12.44 39.31
CA SER D 12 4.64 12.57 39.88
C SER D 12 4.55 13.34 41.19
N SER D 13 5.61 14.07 41.57
CA SER D 13 5.52 14.82 42.81
C SER D 13 4.67 16.06 42.55
N LEU D 14 3.52 15.83 41.90
CA LEU D 14 2.54 16.86 41.57
C LEU D 14 1.15 16.26 41.40
N LEU D 15 1.03 14.96 41.63
CA LEU D 15 -0.27 14.30 41.52
C LEU D 15 -1.01 14.34 42.85
N ASN D 16 -2.34 14.26 42.81
CA ASN D 16 -3.15 14.22 44.02
C ASN D 16 -4.10 13.03 43.96
N GLU D 17 -4.88 12.83 45.01
CA GLU D 17 -5.76 11.68 45.03
C GLU D 17 -6.54 11.44 43.75
N GLU D 18 -7.28 12.44 43.30
CA GLU D 18 -8.07 12.26 42.10
C GLU D 18 -7.26 11.83 40.87
N ASP D 19 -6.13 12.48 40.59
CA ASP D 19 -5.32 12.08 39.43
C ASP D 19 -5.07 10.58 39.52
N CYS D 20 -4.59 10.14 40.69
CA CYS D 20 -4.29 8.74 40.92
C CYS D 20 -5.51 7.87 40.67
N ARG D 21 -6.65 8.29 41.21
CA ARG D 21 -7.87 7.53 41.02
C ARG D 21 -8.21 7.37 39.55
N GLN D 22 -7.98 8.41 38.76
CA GLN D 22 -8.27 8.36 37.34
C GLN D 22 -7.52 7.22 36.69
N MET D 23 -6.27 7.06 37.08
CA MET D 23 -5.42 6.03 36.54
C MET D 23 -5.95 4.65 36.90
N ILE D 24 -6.37 4.50 38.14
CA ILE D 24 -6.91 3.21 38.56
C ILE D 24 -8.14 2.96 37.71
N TYR D 25 -9.01 3.96 37.64
CA TYR D 25 -10.21 3.85 36.83
C TYR D 25 -9.86 3.44 35.41
N ARG D 26 -8.76 3.98 34.88
CA ARG D 26 -8.34 3.62 33.54
C ARG D 26 -7.93 2.15 33.47
N SER D 27 -7.35 1.63 34.55
CA SER D 27 -6.92 0.23 34.55
C SER D 27 -8.13 -0.68 34.62
N GLU D 28 -9.23 -0.16 35.13
CA GLU D 28 -10.48 -0.90 35.24
C GLU D 28 -11.16 -1.01 33.88
N ARG D 29 -11.05 0.04 33.08
CA ARG D 29 -11.64 0.06 31.74
C ARG D 29 -10.85 -0.90 30.86
N GLU D 30 -9.52 -0.77 30.91
CA GLU D 30 -8.64 -1.63 30.13
C GLU D 30 -8.92 -3.09 30.48
N HIS D 31 -9.13 -3.35 31.77
CA HIS D 31 -9.44 -4.70 32.23
C HIS D 31 -10.74 -5.16 31.58
N ASP D 32 -11.78 -4.34 31.67
CA ASP D 32 -13.08 -4.67 31.08
C ASP D 32 -13.04 -4.92 29.57
N ALA D 33 -12.15 -4.21 28.88
CA ALA D 33 -12.03 -4.35 27.43
C ALA D 33 -11.25 -5.60 27.09
N ARG D 34 -10.39 -6.00 28.01
CA ARG D 34 -9.54 -7.17 27.82
C ARG D 34 -10.31 -8.41 28.23
N MET D 35 -11.28 -8.25 29.12
CA MET D 35 -12.10 -9.36 29.62
C MET D 35 -13.38 -9.69 28.84
N VAL D 36 -13.93 -8.73 28.12
CA VAL D 36 -15.15 -9.03 27.36
C VAL D 36 -14.63 -9.61 26.06
N GLY D 37 -14.74 -10.92 25.95
CA GLY D 37 -14.26 -11.58 24.76
C GLY D 37 -14.89 -12.95 24.64
N VAL D 38 -14.34 -13.76 23.73
CA VAL D 38 -14.85 -15.10 23.51
C VAL D 38 -14.38 -16.01 24.64
N ASN D 39 -15.27 -16.21 25.61
CA ASN D 39 -15.00 -17.06 26.77
C ASN D 39 -13.54 -16.98 27.20
N VAL D 40 -13.28 -16.12 28.17
CA VAL D 40 -11.94 -15.89 28.67
C VAL D 40 -11.36 -17.01 29.55
N ASP D 41 -12.22 -17.63 30.35
CA ASP D 41 -11.81 -18.71 31.26
C ASP D 41 -10.94 -19.78 30.63
N GLN D 42 -11.36 -20.29 29.49
CA GLN D 42 -10.63 -21.35 28.80
C GLN D 42 -9.22 -20.92 28.38
N HIS D 43 -9.07 -19.63 28.06
CA HIS D 43 -7.80 -19.09 27.64
C HIS D 43 -6.84 -18.95 28.81
N PHE D 44 -7.36 -18.54 29.97
CA PHE D 44 -6.51 -18.40 31.14
C PHE D 44 -6.08 -19.72 31.78
N THR D 45 -6.92 -20.73 31.67
CA THR D 45 -6.60 -22.03 32.23
C THR D 45 -5.90 -22.96 31.24
N SER D 46 -5.79 -22.53 29.99
CA SER D 46 -5.15 -23.35 28.97
C SER D 46 -3.68 -23.57 29.23
N GLN D 47 -3.19 -24.71 28.79
CA GLN D 47 -1.80 -25.04 28.96
C GLN D 47 -0.95 -24.17 28.04
N TYR D 48 -1.49 -23.83 26.87
CA TYR D 48 -0.75 -23.02 25.90
C TYR D 48 -0.44 -21.61 26.38
N ARG D 49 -1.23 -21.07 27.30
CA ARG D 49 -0.97 -19.73 27.79
C ARG D 49 0.17 -19.82 28.78
N LYS D 50 0.37 -21.01 29.33
CA LYS D 50 1.43 -21.23 30.30
C LYS D 50 2.77 -21.18 29.60
N VAL D 51 2.83 -21.76 28.41
CA VAL D 51 4.05 -21.78 27.62
C VAL D 51 4.40 -20.37 27.16
N LEU D 52 3.44 -19.71 26.51
CA LEU D 52 3.65 -18.37 26.00
C LEU D 52 4.13 -17.33 27.03
N THR D 53 3.46 -17.26 28.18
CA THR D 53 3.88 -16.30 29.21
C THR D 53 5.25 -16.64 29.82
N THR D 54 5.49 -17.91 30.07
CA THR D 54 6.75 -18.33 30.65
C THR D 54 7.87 -18.13 29.64
N TRP D 55 7.53 -18.14 28.36
CA TRP D 55 8.50 -17.91 27.29
C TRP D 55 8.95 -16.45 27.29
N MET D 56 7.98 -15.56 27.12
CA MET D 56 8.21 -14.13 27.10
C MET D 56 9.02 -13.74 28.33
N PHE D 57 8.69 -14.36 29.46
CA PHE D 57 9.38 -14.10 30.71
C PHE D 57 10.87 -14.38 30.55
N CYS D 58 11.18 -15.50 29.91
CA CYS D 58 12.58 -15.87 29.70
C CYS D 58 13.24 -14.94 28.72
N VAL D 59 12.57 -14.66 27.61
CA VAL D 59 13.16 -13.78 26.63
C VAL D 59 13.51 -12.48 27.33
N CYS D 60 12.56 -11.96 28.11
CA CYS D 60 12.78 -10.73 28.83
C CYS D 60 13.91 -10.80 29.85
N LYS D 61 14.06 -11.94 30.51
CA LYS D 61 15.11 -12.05 31.49
C LYS D 61 16.49 -12.10 30.82
N ASP D 62 16.60 -12.88 29.74
CA ASP D 62 17.87 -13.01 29.04
C ASP D 62 18.37 -11.76 28.35
N LEU D 63 17.46 -11.02 27.71
CA LEU D 63 17.82 -9.80 27.02
C LEU D 63 17.72 -8.64 27.99
N ARG D 64 17.81 -8.94 29.28
CA ARG D 64 17.74 -7.93 30.32
C ARG D 64 16.82 -6.78 29.89
N GLN D 65 15.59 -7.13 29.55
CA GLN D 65 14.62 -6.14 29.11
C GLN D 65 13.99 -5.45 30.29
N ASP D 66 13.55 -4.21 30.07
CA ASP D 66 12.93 -3.39 31.11
C ASP D 66 11.87 -4.15 31.85
N ASN D 67 11.83 -3.89 33.14
CA ASN D 67 10.92 -4.56 34.05
C ASN D 67 9.47 -4.39 33.72
N ASN D 68 9.14 -3.39 32.91
CA ASN D 68 7.75 -3.23 32.57
C ASN D 68 7.36 -3.78 31.22
N VAL D 69 8.33 -4.29 30.46
CA VAL D 69 8.03 -4.86 29.15
C VAL D 69 7.23 -6.16 29.27
N PHE D 70 7.66 -7.04 30.15
CA PHE D 70 6.98 -8.33 30.33
C PHE D 70 5.49 -8.16 30.71
N PRO D 71 5.18 -7.30 31.70
CA PRO D 71 3.79 -7.09 32.12
C PRO D 71 2.92 -6.60 30.95
N LEU D 72 3.37 -5.54 30.27
CA LEU D 72 2.63 -4.99 29.15
C LEU D 72 2.45 -6.02 28.05
N ALA D 73 3.48 -6.83 27.82
CA ALA D 73 3.43 -7.86 26.80
C ALA D 73 2.29 -8.83 27.06
N VAL D 74 2.12 -9.19 28.34
CA VAL D 74 1.08 -10.13 28.76
C VAL D 74 -0.34 -9.61 28.60
N ALA D 75 -0.55 -8.37 29.03
CA ALA D 75 -1.85 -7.71 28.93
C ALA D 75 -2.28 -7.60 27.48
N LEU D 76 -1.33 -7.38 26.58
CA LEU D 76 -1.64 -7.25 25.16
C LEU D 76 -1.80 -8.62 24.49
N LEU D 77 -1.06 -9.60 24.98
CA LEU D 77 -1.14 -10.94 24.46
C LEU D 77 -2.55 -11.48 24.71
N ASP D 78 -3.01 -11.32 25.94
CA ASP D 78 -4.33 -11.78 26.32
C ASP D 78 -5.45 -11.06 25.57
N GLU D 79 -5.40 -9.73 25.50
CA GLU D 79 -6.44 -9.00 24.80
C GLU D 79 -6.52 -9.43 23.33
N LEU D 80 -5.40 -9.83 22.76
CA LEU D 80 -5.38 -10.24 21.37
C LEU D 80 -6.00 -11.63 21.24
N PHE D 81 -5.69 -12.51 22.17
CA PHE D 81 -6.22 -13.86 22.13
C PHE D 81 -7.72 -13.85 22.38
N LEU D 82 -8.14 -13.03 23.35
CA LEU D 82 -9.54 -12.91 23.72
C LEU D 82 -10.35 -12.04 22.76
N SER D 83 -9.66 -11.18 22.02
CA SER D 83 -10.35 -10.28 21.14
C SER D 83 -10.36 -10.69 19.68
N THR D 84 -9.51 -11.62 19.29
CA THR D 84 -9.47 -12.04 17.92
C THR D 84 -9.30 -13.52 17.82
N ARG D 85 -9.37 -14.03 16.59
CA ARG D 85 -9.21 -15.44 16.34
C ARG D 85 -7.79 -15.66 15.84
N ILE D 86 -7.08 -16.60 16.47
CA ILE D 86 -5.70 -16.90 16.10
C ILE D 86 -5.58 -18.38 15.80
N ASP D 87 -4.80 -18.72 14.78
CA ASP D 87 -4.59 -20.13 14.48
C ASP D 87 -3.50 -20.60 15.41
N ARG D 88 -3.58 -21.84 15.84
CA ARG D 88 -2.59 -22.39 16.74
C ARG D 88 -1.18 -22.24 16.18
N GLU D 89 -1.07 -22.26 14.85
CA GLU D 89 0.21 -22.13 14.16
C GLU D 89 0.78 -20.73 14.43
N ASN D 90 -0.09 -19.81 14.83
CA ASN D 90 0.34 -18.45 15.10
C ASN D 90 0.45 -18.05 16.58
N TYR D 91 0.13 -18.94 17.50
CA TYR D 91 0.24 -18.62 18.92
C TYR D 91 1.63 -18.08 19.28
N GLN D 92 2.67 -18.83 18.91
CA GLN D 92 4.04 -18.44 19.21
C GLN D 92 4.41 -17.09 18.63
N SER D 93 4.02 -16.85 17.39
CA SER D 93 4.31 -15.58 16.73
C SER D 93 3.63 -14.43 17.46
N THR D 94 2.42 -14.67 17.96
CA THR D 94 1.65 -13.66 18.66
C THR D 94 2.25 -13.25 20.00
N ALA D 95 3.04 -14.14 20.58
CA ALA D 95 3.67 -13.84 21.84
C ALA D 95 4.85 -12.93 21.52
N ALA D 96 5.46 -13.12 20.34
CA ALA D 96 6.59 -12.33 19.91
C ALA D 96 6.19 -10.89 19.60
N VAL D 97 5.03 -10.74 18.97
CA VAL D 97 4.50 -9.42 18.61
C VAL D 97 4.14 -8.60 19.85
N ALA D 98 3.62 -9.28 20.87
CA ALA D 98 3.25 -8.61 22.11
C ALA D 98 4.53 -8.07 22.77
N LEU D 99 5.51 -8.95 22.90
CA LEU D 99 6.81 -8.60 23.47
C LEU D 99 7.38 -7.44 22.63
N HIS D 100 7.42 -7.64 21.32
CA HIS D 100 7.94 -6.62 20.41
C HIS D 100 7.24 -5.28 20.59
N ILE D 101 5.90 -5.27 20.65
CA ILE D 101 5.14 -4.03 20.83
C ILE D 101 5.40 -3.39 22.21
N ALA D 102 5.49 -4.23 23.24
CA ALA D 102 5.74 -3.75 24.59
C ALA D 102 7.11 -3.09 24.64
N GLY D 103 8.04 -3.69 23.90
CA GLY D 103 9.38 -3.16 23.85
C GLY D 103 9.33 -1.75 23.28
N LYS D 104 8.43 -1.54 22.31
CA LYS D 104 8.28 -0.21 21.71
C LYS D 104 7.71 0.85 22.67
N VAL D 105 7.00 0.39 23.70
CA VAL D 105 6.40 1.29 24.67
C VAL D 105 7.19 1.51 25.96
N ARG D 106 7.75 0.44 26.51
CA ARG D 106 8.48 0.55 27.79
C ARG D 106 10.00 0.36 27.78
N ALA D 107 10.49 -0.41 26.81
CA ALA D 107 11.92 -0.72 26.69
C ALA D 107 12.90 0.38 26.31
N TYR D 108 14.14 0.20 26.76
CA TYR D 108 15.24 1.12 26.48
C TYR D 108 15.88 0.52 25.24
N MET D 109 16.40 -0.71 25.38
CA MET D 109 16.99 -1.45 24.27
C MET D 109 15.79 -2.25 23.74
N PRO D 110 15.12 -1.73 22.71
CA PRO D 110 13.96 -2.46 22.16
C PRO D 110 14.43 -3.75 21.50
N ILE D 111 13.58 -4.78 21.51
CA ILE D 111 13.93 -6.08 20.93
C ILE D 111 13.79 -6.09 19.41
N LYS D 112 14.75 -6.69 18.74
CA LYS D 112 14.69 -6.74 17.29
C LYS D 112 13.78 -7.88 16.83
N ALA D 113 12.98 -7.63 15.79
CA ALA D 113 12.08 -8.63 15.26
C ALA D 113 12.89 -9.83 14.74
N THR D 114 13.97 -9.54 14.01
CA THR D 114 14.82 -10.60 13.48
C THR D 114 15.25 -11.55 14.58
N GLN D 115 15.53 -10.99 15.76
CA GLN D 115 15.96 -11.81 16.87
C GLN D 115 14.81 -12.65 17.41
N LEU D 116 13.66 -12.00 17.65
CA LEU D 116 12.49 -12.71 18.14
C LEU D 116 12.12 -13.82 17.17
N ALA D 117 12.14 -13.51 15.88
CA ALA D 117 11.81 -14.49 14.85
C ALA D 117 12.74 -15.70 14.95
N TYR D 118 13.94 -15.48 15.48
CA TYR D 118 14.90 -16.55 15.63
C TYR D 118 14.60 -17.35 16.89
N LEU D 119 14.49 -16.65 18.02
CA LEU D 119 14.19 -17.31 19.28
C LEU D 119 12.91 -18.11 19.07
N CYS D 120 12.03 -17.59 18.21
CA CYS D 120 10.79 -18.29 17.91
C CYS D 120 11.11 -19.54 17.11
N GLY D 121 11.74 -19.36 15.95
CA GLY D 121 12.06 -20.53 15.14
C GLY D 121 11.01 -20.90 14.12
N GLY D 122 11.10 -22.12 13.60
CA GLY D 122 10.14 -22.56 12.60
C GLY D 122 10.33 -21.82 11.29
N ALA D 123 9.23 -21.33 10.73
CA ALA D 123 9.30 -20.60 9.46
C ALA D 123 9.12 -19.11 9.74
N THR D 124 9.16 -18.76 11.03
CA THR D 124 8.99 -17.36 11.46
C THR D 124 10.11 -16.43 10.95
N THR D 125 9.73 -15.22 10.56
CA THR D 125 10.65 -14.23 10.05
C THR D 125 10.16 -12.88 10.55
N ALA D 126 11.08 -11.91 10.64
CA ALA D 126 10.73 -10.58 11.11
C ALA D 126 9.63 -9.96 10.25
N ASP D 127 9.56 -10.36 8.98
CA ASP D 127 8.53 -9.86 8.07
C ASP D 127 7.17 -10.30 8.54
N LYS D 128 7.08 -11.58 8.90
CA LYS D 128 5.82 -12.10 9.37
C LYS D 128 5.40 -11.44 10.67
N LEU D 129 6.33 -11.33 11.61
CA LEU D 129 6.02 -10.70 12.89
C LEU D 129 5.63 -9.25 12.69
N LEU D 130 6.27 -8.57 11.74
CA LEU D 130 5.98 -7.18 11.44
C LEU D 130 4.59 -7.02 10.81
N THR D 131 4.19 -7.99 10.01
CA THR D 131 2.85 -7.93 9.40
C THR D 131 1.85 -8.19 10.52
N LEU D 132 2.19 -9.12 11.41
CA LEU D 132 1.34 -9.46 12.53
C LEU D 132 1.14 -8.26 13.44
N GLU D 133 2.22 -7.56 13.71
CA GLU D 133 2.21 -6.38 14.57
C GLU D 133 1.18 -5.35 14.10
N VAL D 134 1.24 -5.02 12.81
CA VAL D 134 0.34 -4.05 12.21
C VAL D 134 -1.13 -4.43 12.44
N LYS D 135 -1.47 -5.65 12.07
CA LYS D 135 -2.80 -6.14 12.24
C LYS D 135 -3.17 -6.11 13.72
N SER D 136 -2.22 -6.47 14.58
CA SER D 136 -2.46 -6.48 16.03
C SER D 136 -2.71 -5.09 16.58
N LEU D 137 -1.93 -4.11 16.09
CA LEU D 137 -2.07 -2.73 16.52
C LEU D 137 -3.41 -2.16 16.04
N ASP D 138 -3.88 -2.67 14.90
CA ASP D 138 -5.18 -2.27 14.35
C ASP D 138 -6.24 -2.65 15.37
N THR D 139 -6.13 -3.88 15.86
CA THR D 139 -7.06 -4.39 16.83
C THR D 139 -6.99 -3.54 18.09
N LEU D 140 -5.79 -3.08 18.43
CA LEU D 140 -5.57 -2.26 19.62
C LEU D 140 -5.82 -0.78 19.38
N SER D 141 -6.28 -0.44 18.18
CA SER D 141 -6.58 0.95 17.83
C SER D 141 -5.38 1.84 18.02
N TRP D 142 -4.21 1.31 17.70
CA TRP D 142 -2.96 2.05 17.78
C TRP D 142 -2.67 2.75 19.09
N VAL D 143 -3.21 2.18 20.17
CA VAL D 143 -3.00 2.67 21.52
C VAL D 143 -2.46 1.43 22.21
N ALA D 144 -1.15 1.40 22.44
CA ALA D 144 -0.51 0.22 23.01
C ALA D 144 -0.10 0.21 24.48
N ASP D 145 -0.12 1.34 25.17
CA ASP D 145 0.26 1.35 26.57
C ASP D 145 -0.95 0.94 27.41
N ARG D 146 -0.71 0.38 28.58
CA ARG D 146 -1.76 -0.03 29.51
C ARG D 146 -1.28 0.36 30.87
N CYS D 147 -2.18 0.36 31.87
CA CYS D 147 -1.82 0.70 33.25
C CYS D 147 -1.62 -0.64 33.93
N LEU D 148 -0.38 -0.94 34.28
CA LEU D 148 -0.06 -2.22 34.89
C LEU D 148 -0.16 -2.28 36.41
N SER D 149 -0.24 -3.50 36.95
CA SER D 149 -0.33 -3.70 38.39
C SER D 149 0.92 -3.12 39.06
N THR D 150 2.01 -3.08 38.29
CA THR D 150 3.27 -2.54 38.79
C THR D 150 3.20 -1.01 38.85
N ASP D 151 2.50 -0.41 37.90
CA ASP D 151 2.35 1.05 37.87
C ASP D 151 1.44 1.52 39.00
N LEU D 152 0.39 0.74 39.24
CA LEU D 152 -0.60 1.04 40.27
C LEU D 152 0.00 1.03 41.67
N ILE D 153 1.07 0.26 41.85
CA ILE D 153 1.73 0.19 43.15
C ILE D 153 2.10 1.61 43.55
N CYS D 154 2.60 2.37 42.59
CA CYS D 154 3.00 3.73 42.85
C CYS D 154 1.81 4.66 43.10
N TYR D 155 0.66 4.38 42.49
CA TYR D 155 -0.52 5.23 42.67
C TYR D 155 -1.23 4.99 43.98
N ILE D 156 -1.23 3.75 44.44
CA ILE D 156 -1.86 3.42 45.70
C ILE D 156 -1.03 4.01 46.85
N LEU D 157 0.29 3.86 46.75
CA LEU D 157 1.17 4.41 47.78
C LEU D 157 0.96 5.91 47.84
N HIS D 158 0.71 6.52 46.68
CA HIS D 158 0.51 7.97 46.68
C HIS D 158 -0.78 8.32 47.41
N ILE D 159 -1.87 7.68 47.01
CA ILE D 159 -3.17 7.91 47.66
C ILE D 159 -3.04 7.70 49.16
N MET D 160 -2.14 6.80 49.54
CA MET D 160 -1.87 6.48 50.95
C MET D 160 -0.77 7.35 51.51
N HIS D 161 -0.64 8.57 50.98
CA HIS D 161 0.38 9.52 51.45
C HIS D 161 1.59 8.80 52.06
N ALA D 162 2.25 7.98 51.26
CA ALA D 162 3.40 7.23 51.72
C ALA D 162 4.71 8.00 51.54
N PRO D 163 5.66 7.79 52.46
CA PRO D 163 6.95 8.46 52.38
C PRO D 163 7.65 8.07 51.08
N ARG D 164 8.36 9.01 50.48
CA ARG D 164 9.06 8.74 49.23
C ARG D 164 9.99 7.53 49.34
N GLU D 165 10.71 7.47 50.44
CA GLU D 165 11.69 6.39 50.61
C GLU D 165 11.12 5.00 50.78
N ASP D 166 9.82 4.87 50.91
CA ASP D 166 9.26 3.55 51.07
C ASP D 166 8.93 2.93 49.73
N TYR D 167 8.70 3.80 48.74
CA TYR D 167 8.34 3.36 47.41
C TYR D 167 9.17 2.25 46.81
N LEU D 168 10.47 2.50 46.64
CA LEU D 168 11.38 1.52 46.05
C LEU D 168 11.39 0.13 46.66
N ASN D 169 11.46 0.05 47.98
CA ASN D 169 11.49 -1.24 48.65
C ASN D 169 10.21 -2.00 48.38
N ILE D 170 9.09 -1.28 48.44
CA ILE D 170 7.79 -1.86 48.23
C ILE D 170 7.60 -2.26 46.78
N TYR D 171 8.23 -1.52 45.89
CA TYR D 171 8.14 -1.82 44.47
C TYR D 171 8.83 -3.14 44.18
N ASN D 172 10.05 -3.29 44.66
CA ASN D 172 10.84 -4.49 44.40
C ASN D 172 10.29 -5.75 45.06
N LEU D 173 9.58 -5.60 46.17
CA LEU D 173 9.02 -6.78 46.82
C LEU D 173 7.75 -7.24 46.10
N CYS D 174 7.05 -6.29 45.48
CA CYS D 174 5.80 -6.59 44.76
C CYS D 174 6.01 -7.05 43.32
N ARG D 175 7.06 -6.58 42.67
CA ARG D 175 7.30 -6.94 41.28
C ARG D 175 7.35 -8.44 41.02
N PRO D 176 8.05 -9.22 41.86
CA PRO D 176 8.13 -10.67 41.64
C PRO D 176 6.78 -11.33 41.83
N LYS D 177 6.02 -10.88 42.82
CA LYS D 177 4.72 -11.46 43.07
C LYS D 177 3.80 -11.23 41.87
N ILE D 178 3.79 -10.00 41.36
CA ILE D 178 2.97 -9.64 40.22
C ILE D 178 3.32 -10.47 38.98
N PHE D 179 4.60 -10.52 38.65
CA PHE D 179 5.07 -11.28 37.49
C PHE D 179 4.61 -12.72 37.54
N CYS D 180 4.73 -13.35 38.71
CA CYS D 180 4.31 -14.74 38.86
C CYS D 180 2.79 -14.84 38.72
N ALA D 181 2.10 -13.84 39.25
CA ALA D 181 0.65 -13.82 39.18
C ALA D 181 0.17 -13.82 37.74
N LEU D 182 0.93 -13.16 36.86
CA LEU D 182 0.56 -13.07 35.45
C LEU D 182 0.73 -14.39 34.71
N CYS D 183 1.69 -15.20 35.11
CA CYS D 183 1.88 -16.49 34.45
C CYS D 183 0.82 -17.50 34.84
N ASP D 184 0.07 -17.19 35.90
CA ASP D 184 -0.98 -18.08 36.38
C ASP D 184 -2.32 -17.59 35.88
N GLY D 185 -3.03 -18.46 35.16
CA GLY D 185 -4.31 -18.07 34.61
C GLY D 185 -5.39 -17.75 35.63
N ARG D 186 -5.34 -18.43 36.76
CA ARG D 186 -6.33 -18.21 37.80
C ARG D 186 -6.17 -16.89 38.52
N SER D 187 -4.97 -16.31 38.50
CA SER D 187 -4.74 -15.03 39.16
C SER D 187 -4.49 -13.87 38.19
N ALA D 188 -4.18 -14.18 36.94
CA ALA D 188 -3.90 -13.15 35.94
C ALA D 188 -5.16 -12.58 35.31
N MET D 189 -6.29 -13.20 35.58
CA MET D 189 -7.53 -12.69 35.02
C MET D 189 -8.21 -11.76 36.02
N LYS D 190 -7.63 -11.66 37.21
CA LYS D 190 -8.17 -10.80 38.24
C LYS D 190 -7.91 -9.35 37.86
N ARG D 191 -8.65 -8.43 38.48
CA ARG D 191 -8.47 -7.02 38.21
C ARG D 191 -7.06 -6.61 38.56
N PRO D 192 -6.47 -5.69 37.78
CA PRO D 192 -5.10 -5.21 38.02
C PRO D 192 -4.82 -4.67 39.43
N VAL D 193 -5.62 -3.71 39.91
CA VAL D 193 -5.39 -3.13 41.23
C VAL D 193 -5.67 -4.12 42.34
N LEU D 194 -6.48 -5.13 42.05
CA LEU D 194 -6.78 -6.16 43.04
C LEU D 194 -5.50 -6.98 43.22
N ILE D 195 -4.82 -7.23 42.11
CA ILE D 195 -3.59 -7.98 42.15
C ILE D 195 -2.58 -7.08 42.84
N THR D 196 -2.59 -5.80 42.49
CA THR D 196 -1.67 -4.84 43.08
C THR D 196 -1.84 -4.78 44.59
N LEU D 197 -3.08 -4.59 45.03
CA LEU D 197 -3.38 -4.52 46.45
C LEU D 197 -3.10 -5.84 47.19
N ALA D 198 -3.32 -6.96 46.52
CA ALA D 198 -3.06 -8.25 47.14
C ALA D 198 -1.57 -8.34 47.49
N CYS D 199 -0.72 -7.95 46.53
CA CYS D 199 0.72 -7.97 46.71
C CYS D 199 1.17 -6.92 47.73
N MET D 200 0.53 -5.75 47.71
CA MET D 200 0.87 -4.69 48.65
C MET D 200 0.46 -5.15 50.06
N HIS D 201 -0.64 -5.91 50.12
CA HIS D 201 -1.12 -6.44 51.40
C HIS D 201 -0.06 -7.40 51.96
N LEU D 202 0.43 -8.29 51.11
CA LEU D 202 1.44 -9.26 51.47
C LEU D 202 2.79 -8.70 51.86
N THR D 203 3.12 -7.51 51.37
CA THR D 203 4.40 -6.93 51.70
C THR D 203 4.28 -5.76 52.67
N MET D 204 3.07 -5.23 52.82
CA MET D 204 2.87 -4.08 53.71
C MET D 204 2.01 -4.27 54.96
N ASN D 205 1.06 -5.19 54.93
CA ASN D 205 0.17 -5.39 56.06
C ASN D 205 0.87 -5.66 57.39
N GLN D 206 0.41 -4.95 58.42
CA GLN D 206 0.96 -5.07 59.76
C GLN D 206 2.42 -4.65 59.84
N LYS D 207 2.92 -4.00 58.79
CA LYS D 207 4.30 -3.52 58.78
C LYS D 207 4.39 -2.03 58.48
N TYR D 208 3.29 -1.42 58.09
CA TYR D 208 3.26 0.01 57.78
C TYR D 208 2.00 0.64 58.33
N ASP D 209 2.18 1.74 59.06
CA ASP D 209 1.09 2.47 59.67
C ASP D 209 0.10 3.05 58.68
N TYR D 210 0.59 3.74 57.64
CA TYR D 210 -0.34 4.31 56.70
C TYR D 210 -1.15 3.24 55.99
N TYR D 211 -0.54 2.08 55.76
CA TYR D 211 -1.25 0.99 55.09
C TYR D 211 -2.45 0.53 55.91
N GLU D 212 -2.18 0.18 57.16
CA GLU D 212 -3.16 -0.29 58.13
C GLU D 212 -4.34 0.66 58.38
N ASN D 213 -4.12 1.96 58.33
CA ASN D 213 -5.20 2.94 58.57
C ASN D 213 -5.99 3.18 57.31
N ARG D 214 -5.37 3.00 56.16
CA ARG D 214 -6.05 3.30 54.93
C ARG D 214 -6.62 2.19 54.07
N ILE D 215 -6.00 1.02 54.08
CA ILE D 215 -6.49 -0.05 53.22
C ILE D 215 -8.02 -0.25 53.23
N ASP D 216 -8.68 0.00 54.36
CA ASP D 216 -10.13 -0.17 54.42
C ASP D 216 -10.91 0.76 53.49
N GLY D 217 -10.66 2.06 53.56
CA GLY D 217 -11.38 2.98 52.70
C GLY D 217 -10.98 2.91 51.24
N VAL D 218 -9.74 2.47 51.01
CA VAL D 218 -9.23 2.35 49.66
C VAL D 218 -9.95 1.22 48.97
N CYS D 219 -10.06 0.09 49.68
CA CYS D 219 -10.73 -1.09 49.14
C CYS D 219 -12.19 -0.83 48.83
N LYS D 220 -12.84 -0.06 49.70
CA LYS D 220 -14.25 0.25 49.53
C LYS D 220 -14.53 1.18 48.37
N SER D 221 -13.65 2.15 48.17
CA SER D 221 -13.83 3.09 47.07
C SER D 221 -13.68 2.36 45.76
N LEU D 222 -13.00 1.21 45.79
CA LEU D 222 -12.77 0.44 44.58
C LEU D 222 -13.68 -0.78 44.46
N TYR D 223 -14.70 -0.85 45.31
CA TYR D 223 -15.66 -1.95 45.32
C TYR D 223 -14.92 -3.27 45.51
N ILE D 224 -14.06 -3.29 46.52
CA ILE D 224 -13.29 -4.46 46.84
C ILE D 224 -13.54 -4.81 48.28
N THR D 225 -13.93 -6.06 48.50
CA THR D 225 -14.21 -6.53 49.84
C THR D 225 -12.94 -7.04 50.50
N LYS D 226 -13.00 -7.22 51.81
CA LYS D 226 -11.89 -7.73 52.58
C LYS D 226 -11.75 -9.18 52.13
N GLU D 227 -12.88 -9.79 51.83
CA GLU D 227 -12.94 -11.17 51.35
C GLU D 227 -12.14 -11.28 50.04
N GLU D 228 -12.55 -10.55 49.02
CA GLU D 228 -11.90 -10.55 47.71
C GLU D 228 -10.39 -10.40 47.78
N LEU D 229 -9.94 -9.40 48.53
CA LEU D 229 -8.53 -9.11 48.70
C LEU D 229 -7.83 -10.31 49.30
N HIS D 230 -8.50 -10.97 50.23
CA HIS D 230 -7.92 -12.14 50.88
C HIS D 230 -7.79 -13.33 49.95
N GLN D 231 -8.78 -13.58 49.10
CA GLN D 231 -8.69 -14.71 48.18
C GLN D 231 -7.61 -14.46 47.14
N CYS D 232 -7.44 -13.21 46.71
CA CYS D 232 -6.43 -12.86 45.72
C CYS D 232 -5.02 -12.99 46.32
N CYS D 233 -4.89 -12.82 47.63
CA CYS D 233 -3.58 -12.98 48.28
C CYS D 233 -3.20 -14.46 48.18
N ASP D 234 -4.22 -15.30 48.25
CA ASP D 234 -4.05 -16.75 48.16
C ASP D 234 -3.83 -17.18 46.71
N LEU D 235 -4.34 -16.39 45.78
CA LEU D 235 -4.15 -16.67 44.36
C LEU D 235 -2.70 -16.33 44.01
N VAL D 236 -2.23 -15.21 44.54
CA VAL D 236 -0.85 -14.77 44.32
C VAL D 236 0.10 -15.81 44.92
N ASP D 237 -0.17 -16.23 46.16
CA ASP D 237 0.69 -17.23 46.80
C ASP D 237 0.80 -18.50 46.00
N ILE D 238 -0.30 -18.92 45.40
CA ILE D 238 -0.32 -20.11 44.58
C ILE D 238 0.51 -19.88 43.31
N ALA D 239 0.38 -18.69 42.72
CA ALA D 239 1.10 -18.37 41.50
C ALA D 239 2.62 -18.42 41.71
N ILE D 240 3.07 -18.05 42.90
CA ILE D 240 4.49 -18.06 43.22
C ILE D 240 5.00 -19.49 43.37
N VAL D 241 4.22 -20.31 44.05
CA VAL D 241 4.58 -21.71 44.26
C VAL D 241 4.63 -22.54 42.99
N SER D 242 3.65 -22.38 42.10
CA SER D 242 3.61 -23.15 40.87
C SER D 242 4.38 -22.56 39.69
N PHE D 243 4.86 -21.33 39.84
CA PHE D 243 5.59 -20.71 38.76
C PHE D 243 6.85 -21.49 38.39
N ASP D 244 6.97 -21.86 37.12
CA ASP D 244 8.13 -22.60 36.62
C ASP D 244 8.72 -21.99 35.34
N GLU D 245 9.88 -21.36 35.50
CA GLU D 245 10.62 -20.71 34.43
C GLU D 245 10.80 -21.55 33.17
N ASN D 246 10.80 -22.87 33.32
CA ASN D 246 11.02 -23.77 32.19
C ASN D 246 9.76 -24.46 31.68
N TYR D 247 8.60 -23.95 32.05
CA TYR D 247 7.37 -24.58 31.60
C TYR D 247 7.37 -24.82 30.07
N PHE D 248 7.68 -23.78 29.29
CA PHE D 248 7.70 -23.92 27.84
C PHE D 248 8.68 -25.00 27.36
N LYS D 249 9.90 -25.03 27.90
CA LYS D 249 10.88 -26.05 27.51
C LYS D 249 10.30 -27.45 27.79
N ILE D 250 9.98 -27.68 29.06
CA ILE D 250 9.38 -28.93 29.54
C ILE D 250 8.23 -29.41 28.62
N ASN D 251 7.30 -28.52 28.31
CA ASN D 251 6.15 -28.86 27.46
C ASN D 251 6.41 -28.39 26.02
N ALA D 252 7.69 -28.40 25.65
CA ALA D 252 8.11 -28.00 24.31
C ALA D 252 7.33 -28.73 23.21
CL CL E . -32.17 -32.96 -33.57
#